data_5UAI
#
_entry.id   5UAI
#
_cell.length_a   113.920
_cell.length_b   109.060
_cell.length_c   109.930
_cell.angle_alpha   90.000
_cell.angle_beta   90.000
_cell.angle_gamma   90.000
#
_symmetry.space_group_name_H-M   'P 21 21 2'
#
loop_
_entity.id
_entity.type
_entity.pdbx_description
1 polymer 'Methionyl-tRNA formyltransferase'
2 non-polymer 1,2-ETHANEDIOL
3 water water
#
_entity_poly.entity_id   1
_entity_poly.type   'polypeptide(L)'
_entity_poly.pdbx_seq_one_letter_code
;MAHHHHHHMSQALRIVFAGTPEFAAEHLKALLDTPHRIVAVYTQPDRPAGRGQKLMPSAVKSLALEHGLPVMQPQSLRNA
EAQAELAALRADLMVVVAYGLILPQAVLDIPRLGCINSHASLLPRWRGAAPIQRAVEAGDAESGVTVMQMEAGLDTGPML
LKVSTPISAADTGGSLHDRLAALGPKAVIEAIAGLAAGTLHGEIQDDALATYAHKLNKDEARLDWSRPAVELERQVRAFT
PWPVCHTSLADAPLKVLGASLGQGSGAPGTILEASRDGLLVACGEGALRLTRLQLPGGKPLAFADLYNSRREQFAAGQVL
GQ
;
_entity_poly.pdbx_strand_id   A,B,C,D
#
# COMPACT_ATOMS: atom_id res chain seq x y z
N ALA A 12 36.94 -3.47 11.39
CA ALA A 12 35.94 -2.48 11.80
C ALA A 12 36.52 -1.07 11.91
N LEU A 13 35.65 -0.10 11.65
CA LEU A 13 36.01 1.28 11.43
C LEU A 13 35.35 2.20 12.44
N ARG A 14 35.96 3.37 12.63
CA ARG A 14 35.33 4.49 13.31
C ARG A 14 34.55 5.28 12.26
N ILE A 15 33.24 5.31 12.39
CA ILE A 15 32.37 5.88 11.37
C ILE A 15 31.63 7.08 11.97
N VAL A 16 31.55 8.16 11.21
CA VAL A 16 30.62 9.24 11.49
C VAL A 16 29.44 9.14 10.53
N PHE A 17 28.22 9.19 11.07
CA PHE A 17 27.01 9.14 10.25
C PHE A 17 26.38 10.53 10.26
N ALA A 18 25.99 10.99 9.07
CA ALA A 18 25.38 12.30 8.92
C ALA A 18 24.13 12.12 8.07
N GLY A 19 23.00 12.54 8.61
CA GLY A 19 21.74 12.40 7.88
C GLY A 19 20.60 12.97 8.70
N THR A 20 19.46 13.20 8.02
CA THR A 20 18.39 13.87 8.76
C THR A 20 17.07 13.07 8.78
N PRO A 21 16.48 12.70 7.62
CA PRO A 21 15.12 12.14 7.63
C PRO A 21 15.02 10.62 7.83
N GLU A 22 13.79 10.10 7.76
CA GLU A 22 13.54 8.69 8.00
C GLU A 22 14.31 7.81 7.04
N PHE A 23 14.44 8.24 5.77
CA PHE A 23 15.26 7.48 4.82
C PHE A 23 16.68 7.34 5.36
N ALA A 24 17.22 8.38 5.98
CA ALA A 24 18.56 8.33 6.52
C ALA A 24 18.63 7.47 7.76
N ALA A 25 17.60 7.55 8.61
CA ALA A 25 17.62 6.79 9.86
C ALA A 25 17.65 5.28 9.60
N GLU A 26 17.02 4.84 8.52
CA GLU A 26 17.07 3.41 8.22
C GLU A 26 18.49 2.95 7.95
N HIS A 27 19.33 3.84 7.43
CA HIS A 27 20.72 3.47 7.23
C HIS A 27 21.46 3.37 8.56
N LEU A 28 21.30 4.37 9.43
CA LEU A 28 21.95 4.32 10.74
C LEU A 28 21.47 3.12 11.53
N LYS A 29 20.16 2.82 11.47
CA LYS A 29 19.62 1.67 12.18
C LYS A 29 20.34 0.39 11.76
N ALA A 30 20.67 0.27 10.47
CA ALA A 30 21.35 -0.93 9.97
C ALA A 30 22.83 -0.96 10.39
N LEU A 31 23.50 0.19 10.41
CA LEU A 31 24.90 0.23 10.87
C LEU A 31 25.02 -0.19 12.33
N LEU A 32 23.99 0.04 13.14
CA LEU A 32 24.04 -0.33 14.54
C LEU A 32 24.17 -1.84 14.73
N ASP A 33 23.63 -2.64 13.81
CA ASP A 33 23.79 -4.10 13.88
C ASP A 33 25.02 -4.56 13.11
N THR A 34 26.05 -3.73 13.01
CA THR A 34 27.31 -4.06 12.40
C THR A 34 28.43 -3.91 13.43
N PRO A 35 29.61 -4.49 13.15
CA PRO A 35 30.73 -4.36 14.08
C PRO A 35 31.45 -3.01 14.10
N HIS A 36 31.04 -2.01 13.31
CA HIS A 36 31.71 -0.72 13.33
C HIS A 36 31.28 0.12 14.54
N ARG A 37 32.13 1.09 14.90
CA ARG A 37 31.88 1.98 16.03
C ARG A 37 31.35 3.29 15.46
N ILE A 38 30.10 3.62 15.78
CA ILE A 38 29.50 4.90 15.37
C ILE A 38 29.95 5.92 16.40
N VAL A 39 31.01 6.66 16.08
CA VAL A 39 31.59 7.55 17.08
C VAL A 39 30.83 8.86 17.22
N ALA A 40 30.01 9.23 16.25
CA ALA A 40 29.24 10.46 16.33
C ALA A 40 28.17 10.42 15.26
N VAL A 41 27.07 11.11 15.53
CA VAL A 41 25.94 11.21 14.60
C VAL A 41 25.69 12.68 14.32
N TYR A 42 25.93 13.09 13.07
CA TYR A 42 25.65 14.45 12.62
C TYR A 42 24.24 14.51 12.05
N THR A 43 23.54 15.60 12.33
CA THR A 43 22.23 15.81 11.74
C THR A 43 21.95 17.31 11.69
N GLN A 44 20.82 17.68 11.09
CA GLN A 44 20.46 19.09 10.97
C GLN A 44 20.03 19.65 12.32
N PRO A 45 20.26 20.94 12.55
CA PRO A 45 19.74 21.55 13.78
C PRO A 45 18.23 21.40 13.81
N ASP A 46 17.69 21.20 15.00
CA ASP A 46 16.26 21.04 15.14
C ASP A 46 15.53 22.23 14.50
N ARG A 47 14.46 21.91 13.64
CA ARG A 47 13.76 22.98 12.95
C ARG A 47 12.64 23.54 13.81
N PRO A 48 12.35 24.82 13.66
CA PRO A 48 11.22 25.40 14.38
C PRO A 48 9.90 24.91 13.81
N ALA A 49 8.97 24.62 14.71
CA ALA A 49 7.64 24.22 14.28
C ALA A 49 6.91 25.42 13.68
N GLY A 50 5.72 25.15 13.11
CA GLY A 50 4.95 26.20 12.48
C GLY A 50 4.40 27.26 13.43
N ARG A 51 4.27 26.92 14.71
CA ARG A 51 3.71 27.84 15.68
C ARG A 51 4.51 27.64 16.96
N GLY A 52 4.51 28.66 17.82
CA GLY A 52 5.16 28.50 19.11
C GLY A 52 6.67 28.47 19.02
N GLN A 53 7.29 27.86 20.02
CA GLN A 53 8.74 27.86 20.14
C GLN A 53 9.35 26.48 20.11
N LYS A 54 8.56 25.42 19.99
CA LYS A 54 9.11 24.08 20.02
C LYS A 54 10.06 23.90 18.84
N LEU A 55 11.12 23.16 19.08
CA LEU A 55 12.08 22.75 18.05
C LEU A 55 11.98 21.24 17.90
N MET A 56 11.78 20.78 16.66
CA MET A 56 11.46 19.38 16.39
C MET A 56 12.74 18.60 16.09
N PRO A 57 12.95 17.45 16.72
CA PRO A 57 14.12 16.62 16.40
C PRO A 57 13.91 15.80 15.13
N SER A 58 14.97 15.70 14.33
CA SER A 58 14.94 14.93 13.10
C SER A 58 14.86 13.46 13.42
N ALA A 59 14.48 12.69 12.38
CA ALA A 59 14.38 11.24 12.54
C ALA A 59 15.71 10.67 12.97
N VAL A 60 16.80 11.10 12.33
CA VAL A 60 18.13 10.60 12.69
C VAL A 60 18.47 10.97 14.13
N LYS A 61 18.13 12.19 14.54
CA LYS A 61 18.44 12.59 15.91
C LYS A 61 17.71 11.72 16.91
N SER A 62 16.42 11.46 16.67
CA SER A 62 15.66 10.65 17.62
C SER A 62 16.25 9.26 17.79
N LEU A 63 16.66 8.63 16.68
CA LEU A 63 17.21 7.29 16.74
C LEU A 63 18.54 7.29 17.46
N ALA A 64 19.36 8.33 17.23
CA ALA A 64 20.66 8.44 17.89
C ALA A 64 20.50 8.54 19.40
N LEU A 65 19.55 9.37 19.85
CA LEU A 65 19.35 9.52 21.29
C LEU A 65 18.96 8.19 21.92
N GLU A 66 17.99 7.51 21.33
CA GLU A 66 17.50 6.22 21.82
C GLU A 66 18.59 5.17 21.90
N HIS A 67 19.68 5.32 21.15
CA HIS A 67 20.81 4.39 21.19
C HIS A 67 22.04 4.95 21.89
N GLY A 68 21.91 6.08 22.58
CA GLY A 68 23.01 6.63 23.35
C GLY A 68 24.15 7.16 22.52
N LEU A 69 23.89 7.50 21.35
CA LEU A 69 24.95 8.00 20.51
C LEU A 69 25.12 9.50 20.69
N PRO A 70 26.36 9.98 20.60
CA PRO A 70 26.61 11.43 20.63
C PRO A 70 26.06 12.08 19.37
N VAL A 71 25.46 13.25 19.55
CA VAL A 71 24.77 13.97 18.50
C VAL A 71 25.47 15.29 18.22
N MET A 72 25.79 15.53 16.96
CA MET A 72 26.38 16.77 16.52
C MET A 72 25.42 17.47 15.59
N GLN A 73 25.11 18.74 15.88
CA GLN A 73 24.13 19.49 15.09
C GLN A 73 24.67 20.86 14.68
N PRO A 74 25.84 20.91 14.03
CA PRO A 74 26.32 22.18 13.52
C PRO A 74 25.46 22.68 12.37
N GLN A 75 25.42 24.00 12.22
CA GLN A 75 24.65 24.67 11.20
C GLN A 75 25.37 24.70 9.85
N SER A 76 26.69 24.57 9.87
CA SER A 76 27.49 24.55 8.66
C SER A 76 28.78 23.81 8.96
N LEU A 77 29.30 23.13 7.94
CA LEU A 77 30.58 22.46 8.03
C LEU A 77 31.69 23.29 7.40
N ARG A 78 31.39 24.51 6.99
CA ARG A 78 32.35 25.38 6.32
C ARG A 78 33.11 26.30 7.28
N ASN A 79 33.05 26.09 8.59
CA ASN A 79 33.87 26.84 9.53
C ASN A 79 34.91 25.93 10.20
N ALA A 80 36.02 26.55 10.65
CA ALA A 80 37.14 25.79 11.19
C ALA A 80 36.78 25.11 12.52
N GLU A 81 35.86 25.69 13.31
CA GLU A 81 35.49 25.05 14.57
C GLU A 81 34.82 23.71 14.31
N ALA A 82 33.81 23.67 13.43
CA ALA A 82 33.16 22.39 13.18
C ALA A 82 34.11 21.43 12.49
N GLN A 83 34.95 21.93 11.59
CA GLN A 83 35.89 21.04 10.93
C GLN A 83 36.89 20.47 11.92
N ALA A 84 37.33 21.29 12.88
CA ALA A 84 38.23 20.80 13.92
C ALA A 84 37.55 19.77 14.80
N GLU A 85 36.30 20.02 15.21
CA GLU A 85 35.56 19.06 16.03
C GLU A 85 35.39 17.74 15.30
N LEU A 86 35.13 17.78 13.99
CA LEU A 86 35.01 16.54 13.22
C LEU A 86 36.34 15.83 13.12
N ALA A 87 37.41 16.57 12.81
CA ALA A 87 38.72 15.95 12.69
C ALA A 87 39.16 15.26 13.99
N ALA A 88 38.78 15.81 15.14
CA ALA A 88 39.16 15.21 16.41
C ALA A 88 38.47 13.87 16.64
N LEU A 89 37.41 13.55 15.88
CA LEU A 89 36.77 12.27 16.09
C LEU A 89 37.60 11.12 15.56
N ARG A 90 38.66 11.41 14.80
CA ARG A 90 39.56 10.38 14.30
C ARG A 90 38.78 9.30 13.57
N ALA A 91 37.97 9.72 12.60
CA ALA A 91 37.11 8.81 11.87
C ALA A 91 37.85 8.14 10.70
N ASP A 92 37.52 6.88 10.45
CA ASP A 92 37.98 6.26 9.23
C ASP A 92 37.08 6.60 8.05
N LEU A 93 35.80 6.86 8.28
CA LEU A 93 34.87 7.01 7.16
C LEU A 93 33.68 7.84 7.59
N MET A 94 33.12 8.61 6.66
CA MET A 94 31.90 9.36 6.90
C MET A 94 30.80 8.83 5.96
N VAL A 95 29.68 8.42 6.54
CA VAL A 95 28.52 7.93 5.79
C VAL A 95 27.49 9.05 5.81
N VAL A 96 27.13 9.53 4.62
CA VAL A 96 26.28 10.71 4.48
C VAL A 96 25.04 10.27 3.75
N VAL A 97 23.88 10.46 4.38
CA VAL A 97 22.61 10.02 3.81
C VAL A 97 21.57 11.11 4.02
N ALA A 98 21.16 11.77 2.94
CA ALA A 98 20.12 12.79 2.98
C ALA A 98 20.40 13.79 4.09
N TYR A 99 21.65 14.25 4.15
CA TYR A 99 22.09 15.28 5.08
C TYR A 99 21.88 16.60 4.40
N GLY A 100 21.25 17.53 5.09
CA GLY A 100 20.94 18.80 4.44
C GLY A 100 22.13 19.70 4.09
N LEU A 101 23.32 19.44 4.60
CA LEU A 101 24.44 20.38 4.53
C LEU A 101 25.44 20.04 3.43
N ILE A 102 26.13 21.09 2.96
CA ILE A 102 27.12 20.94 1.92
C ILE A 102 28.45 20.55 2.57
N LEU A 103 29.07 19.45 2.08
CA LEU A 103 30.39 19.04 2.56
C LEU A 103 31.47 19.69 1.69
N PRO A 104 32.20 20.69 2.19
CA PRO A 104 33.23 21.30 1.36
C PRO A 104 34.41 20.36 1.22
N GLN A 105 35.36 20.76 0.37
CA GLN A 105 36.50 19.89 0.10
C GLN A 105 37.28 19.54 1.38
N ALA A 106 37.41 20.51 2.29
CA ALA A 106 38.16 20.28 3.51
C ALA A 106 37.56 19.16 4.36
N VAL A 107 36.23 18.98 4.31
CA VAL A 107 35.63 17.91 5.10
C VAL A 107 35.81 16.56 4.41
N LEU A 108 35.65 16.52 3.07
CA LEU A 108 35.96 15.29 2.33
C LEU A 108 37.39 14.83 2.63
N ASP A 109 38.28 15.76 2.93
CA ASP A 109 39.67 15.41 3.19
C ASP A 109 39.92 14.93 4.62
N ILE A 110 38.94 15.03 5.51
CA ILE A 110 39.23 14.72 6.91
C ILE A 110 39.28 13.22 7.16
N PRO A 111 38.22 12.44 6.94
CA PRO A 111 38.33 11.01 7.24
C PRO A 111 39.28 10.32 6.28
N ARG A 112 39.95 9.28 6.80
CA ARG A 112 40.94 8.54 6.02
C ARG A 112 40.41 8.07 4.67
N LEU A 113 39.17 7.56 4.64
CA LEU A 113 38.56 7.03 3.44
C LEU A 113 37.59 8.02 2.81
N GLY A 114 37.63 9.28 3.23
CA GLY A 114 36.74 10.25 2.66
C GLY A 114 35.32 10.09 3.17
N CYS A 115 34.36 10.50 2.35
CA CYS A 115 32.96 10.51 2.72
C CYS A 115 32.15 9.80 1.65
N ILE A 116 31.26 8.90 2.04
CA ILE A 116 30.42 8.21 1.07
C ILE A 116 28.97 8.55 1.32
N ASN A 117 28.19 8.52 0.25
CA ASN A 117 26.79 8.89 0.28
C ASN A 117 25.91 7.77 -0.26
N SER A 118 24.73 7.64 0.33
CA SER A 118 23.69 6.72 -0.16
C SER A 118 22.65 7.53 -0.89
N HIS A 119 22.72 7.52 -2.24
CA HIS A 119 21.87 8.35 -3.08
C HIS A 119 20.72 7.54 -3.68
N ALA A 120 19.51 8.11 -3.64
CA ALA A 120 18.32 7.34 -3.95
C ALA A 120 17.98 7.39 -5.45
N SER A 121 18.96 6.98 -6.25
CA SER A 121 18.77 6.88 -7.69
C SER A 121 19.89 6.04 -8.29
N LEU A 122 19.72 5.67 -9.55
CA LEU A 122 20.79 5.00 -10.29
C LEU A 122 21.57 6.08 -11.01
N LEU A 123 22.59 6.59 -10.32
CA LEU A 123 23.44 7.61 -10.88
C LEU A 123 24.08 7.08 -12.16
N PRO A 124 24.40 7.94 -13.12
CA PRO A 124 24.39 9.41 -13.06
C PRO A 124 23.02 10.03 -13.28
N ARG A 125 21.99 9.19 -13.28
CA ARG A 125 20.65 9.72 -13.39
C ARG A 125 20.18 10.26 -12.05
N TRP A 126 19.54 11.44 -12.09
CA TRP A 126 18.87 12.06 -10.94
C TRP A 126 19.83 12.40 -9.81
N ARG A 127 20.93 13.03 -10.18
CA ARG A 127 21.68 13.83 -9.25
C ARG A 127 20.75 14.87 -8.66
N GLY A 128 20.86 15.12 -7.35
CA GLY A 128 20.26 16.29 -6.76
C GLY A 128 19.17 15.95 -5.74
N ALA A 129 18.18 16.83 -5.66
CA ALA A 129 17.38 17.00 -4.44
C ALA A 129 16.24 16.00 -4.31
N ALA A 130 15.54 15.71 -5.39
CA ALA A 130 14.29 14.93 -5.32
C ALA A 130 14.34 13.76 -6.29
N PRO A 131 15.27 12.83 -6.10
CA PRO A 131 15.39 11.72 -7.07
C PRO A 131 14.22 10.74 -7.03
N ILE A 132 13.55 10.59 -5.89
CA ILE A 132 12.44 9.65 -5.85
C ILE A 132 11.26 10.13 -6.70
N GLN A 133 10.84 11.38 -6.48
CA GLN A 133 9.66 11.89 -7.20
C GLN A 133 9.94 12.00 -8.69
N ARG A 134 11.11 12.56 -9.05
CA ARG A 134 11.38 12.79 -10.47
C ARG A 134 11.50 11.48 -11.24
N ALA A 135 12.12 10.46 -10.65
CA ALA A 135 12.29 9.20 -11.39
C ALA A 135 10.94 8.62 -11.76
N VAL A 136 10.00 8.62 -10.83
CA VAL A 136 8.65 8.16 -11.14
C VAL A 136 8.01 9.09 -12.18
N GLU A 137 8.20 10.40 -11.99
CA GLU A 137 7.55 11.40 -12.84
C GLU A 137 8.02 11.28 -14.28
N ALA A 138 9.28 10.94 -14.50
CA ALA A 138 9.89 10.93 -15.83
C ALA A 138 9.59 9.66 -16.61
N GLY A 139 8.93 8.69 -15.99
CA GLY A 139 8.65 7.45 -16.67
C GLY A 139 9.84 6.52 -16.76
N ASP A 140 10.81 6.63 -15.86
CA ASP A 140 11.90 5.66 -15.84
C ASP A 140 11.34 4.28 -15.53
N ALA A 141 11.94 3.26 -16.14
CA ALA A 141 11.50 1.89 -15.95
C ALA A 141 12.04 1.27 -14.68
N GLU A 142 13.14 1.80 -14.15
CA GLU A 142 13.73 1.29 -12.94
C GLU A 142 14.37 2.45 -12.19
N SER A 143 14.62 2.25 -10.90
CA SER A 143 15.42 3.18 -10.10
C SER A 143 16.19 2.38 -9.07
N GLY A 144 16.74 3.04 -8.06
CA GLY A 144 17.50 2.29 -7.07
C GLY A 144 18.29 3.18 -6.15
N VAL A 145 19.41 2.65 -5.66
CA VAL A 145 20.30 3.35 -4.75
C VAL A 145 21.70 3.23 -5.30
N THR A 146 22.47 4.33 -5.22
CA THR A 146 23.88 4.35 -5.57
C THR A 146 24.69 4.75 -4.35
N VAL A 147 25.64 3.92 -3.94
CA VAL A 147 26.64 4.32 -2.96
C VAL A 147 27.77 4.99 -3.72
N MET A 148 27.97 6.26 -3.45
CA MET A 148 28.95 7.03 -4.19
C MET A 148 29.99 7.59 -3.25
N GLN A 149 31.21 7.70 -3.76
CA GLN A 149 32.28 8.39 -3.08
C GLN A 149 32.10 9.88 -3.36
N MET A 150 31.90 10.67 -2.32
CA MET A 150 31.53 12.07 -2.53
C MET A 150 32.71 12.89 -3.04
N GLU A 151 32.43 13.72 -4.04
CA GLU A 151 33.36 14.69 -4.61
C GLU A 151 32.85 16.09 -4.30
N ALA A 152 33.60 17.09 -4.79
CA ALA A 152 33.20 18.48 -4.58
C ALA A 152 31.92 18.82 -5.36
N GLY A 153 31.80 18.33 -6.60
CA GLY A 153 30.61 18.61 -7.37
C GLY A 153 29.37 18.00 -6.74
N LEU A 154 28.21 18.38 -7.29
CA LEU A 154 26.92 17.92 -6.80
C LEU A 154 26.61 16.52 -7.31
N ASP A 155 26.71 15.52 -6.44
CA ASP A 155 26.39 14.14 -6.79
C ASP A 155 27.14 13.67 -8.07
N THR A 156 28.40 14.10 -8.21
CA THR A 156 29.21 13.76 -9.36
C THR A 156 30.20 12.64 -9.06
N GLY A 157 30.33 12.24 -7.80
CA GLY A 157 31.43 11.40 -7.40
C GLY A 157 31.34 9.99 -7.96
N PRO A 158 32.46 9.25 -7.87
CA PRO A 158 32.52 7.89 -8.41
C PRO A 158 31.54 6.92 -7.73
N MET A 159 31.02 6.01 -8.53
CA MET A 159 29.99 5.08 -8.07
C MET A 159 30.62 3.79 -7.57
N LEU A 160 30.42 3.48 -6.28
CA LEU A 160 31.03 2.30 -5.65
C LEU A 160 30.16 1.06 -5.80
N LEU A 161 28.84 1.19 -5.63
CA LEU A 161 27.92 0.06 -5.70
C LEU A 161 26.52 0.59 -6.00
N LYS A 162 25.79 -0.13 -6.85
CA LYS A 162 24.41 0.18 -7.23
C LYS A 162 23.53 -1.04 -7.02
N VAL A 163 22.28 -0.79 -6.66
CA VAL A 163 21.26 -1.82 -6.58
C VAL A 163 19.97 -1.23 -7.14
N SER A 164 19.31 -1.97 -8.03
CA SER A 164 18.15 -1.46 -8.76
C SER A 164 16.85 -2.14 -8.33
N THR A 165 15.73 -1.49 -8.67
CA THR A 165 14.36 -1.97 -8.46
C THR A 165 13.53 -1.39 -9.60
N PRO A 166 12.56 -2.15 -10.13
CA PRO A 166 11.73 -1.62 -11.21
C PRO A 166 10.67 -0.66 -10.69
N ILE A 167 10.17 0.18 -11.59
CA ILE A 167 9.04 1.06 -11.30
C ILE A 167 7.82 0.57 -12.07
N SER A 168 6.81 0.10 -11.35
CA SER A 168 5.61 -0.39 -12.02
C SER A 168 4.62 0.74 -12.31
N ALA A 169 3.60 0.40 -13.10
CA ALA A 169 2.57 1.37 -13.41
C ALA A 169 1.81 1.77 -12.15
N ALA A 170 1.93 1.00 -11.08
CA ALA A 170 1.23 1.28 -9.84
C ALA A 170 2.07 2.00 -8.80
N ASP A 171 3.37 2.13 -9.02
CA ASP A 171 4.25 2.71 -8.01
C ASP A 171 4.02 4.21 -7.84
N THR A 172 4.05 4.65 -6.58
CA THR A 172 3.99 6.05 -6.18
C THR A 172 5.36 6.47 -5.67
N GLY A 173 5.50 7.75 -5.34
CA GLY A 173 6.73 8.18 -4.70
C GLY A 173 6.96 7.46 -3.38
N GLY A 174 5.88 7.25 -2.64
CA GLY A 174 5.99 6.59 -1.35
C GLY A 174 6.30 5.12 -1.47
N SER A 175 5.70 4.43 -2.44
CA SER A 175 6.01 3.01 -2.56
C SER A 175 7.49 2.82 -2.96
N LEU A 176 8.00 3.68 -3.83
CA LEU A 176 9.41 3.59 -4.21
C LEU A 176 10.30 4.00 -3.06
N HIS A 177 9.90 5.02 -2.29
CA HIS A 177 10.66 5.39 -1.11
C HIS A 177 10.81 4.21 -0.16
N ASP A 178 9.70 3.48 0.12
CA ASP A 178 9.77 2.35 1.05
C ASP A 178 10.70 1.25 0.56
N ARG A 179 10.78 1.05 -0.76
CA ARG A 179 11.69 0.06 -1.30
C ARG A 179 13.15 0.53 -1.24
N LEU A 180 13.40 1.79 -1.59
CA LEU A 180 14.77 2.28 -1.52
C LEU A 180 15.25 2.38 -0.08
N ALA A 181 14.33 2.56 0.85
CA ALA A 181 14.70 2.58 2.26
C ALA A 181 15.05 1.19 2.78
N ALA A 182 14.73 0.14 2.03
CA ALA A 182 15.13 -1.21 2.36
C ALA A 182 16.44 -1.59 1.71
N LEU A 183 16.65 -1.16 0.45
CA LEU A 183 17.85 -1.53 -0.28
C LEU A 183 19.07 -0.75 0.16
N GLY A 184 18.92 0.56 0.34
CA GLY A 184 20.01 1.45 0.67
C GLY A 184 20.82 1.03 1.88
N PRO A 185 20.16 0.76 3.00
CA PRO A 185 20.93 0.35 4.18
C PRO A 185 21.77 -0.88 3.93
N LYS A 186 21.20 -1.92 3.31
CA LYS A 186 22.01 -3.10 3.00
C LYS A 186 23.12 -2.74 2.02
N ALA A 187 22.82 -1.88 1.04
CA ALA A 187 23.84 -1.53 0.06
C ALA A 187 25.03 -0.81 0.70
N VAL A 188 24.77 0.07 1.66
CA VAL A 188 25.85 0.80 2.30
C VAL A 188 26.77 -0.12 3.10
N ILE A 189 26.18 -1.04 3.88
CA ILE A 189 26.95 -1.96 4.70
C ILE A 189 27.91 -2.75 3.83
N GLU A 190 27.42 -3.20 2.67
CA GLU A 190 28.25 -3.98 1.77
C GLU A 190 29.39 -3.14 1.20
N ALA A 191 29.13 -1.89 0.83
CA ALA A 191 30.18 -1.07 0.29
C ALA A 191 31.23 -0.76 1.34
N ILE A 192 30.80 -0.55 2.58
CA ILE A 192 31.74 -0.29 3.68
C ILE A 192 32.69 -1.47 3.84
N ALA A 193 32.16 -2.69 3.72
CA ALA A 193 32.99 -3.88 3.88
C ALA A 193 34.05 -3.95 2.81
N GLY A 194 33.67 -3.66 1.56
CA GLY A 194 34.65 -3.63 0.49
C GLY A 194 35.66 -2.52 0.68
N LEU A 195 35.20 -1.38 1.22
CA LEU A 195 36.10 -0.26 1.46
C LEU A 195 37.13 -0.57 2.54
N ALA A 196 36.70 -1.23 3.63
CA ALA A 196 37.63 -1.64 4.68
C ALA A 196 38.58 -2.75 4.23
N ALA A 197 38.11 -3.63 3.35
CA ALA A 197 38.96 -4.66 2.80
C ALA A 197 39.84 -4.16 1.67
N GLY A 198 39.67 -2.91 1.23
CA GLY A 198 40.43 -2.36 0.12
C GLY A 198 40.15 -2.91 -1.26
N THR A 199 39.03 -3.62 -1.44
CA THR A 199 38.77 -4.30 -2.70
C THR A 199 37.72 -3.60 -3.57
N LEU A 200 37.12 -2.52 -3.10
CA LEU A 200 36.03 -1.87 -3.81
C LEU A 200 36.54 -0.55 -4.37
N HIS A 201 36.31 -0.34 -5.65
CA HIS A 201 36.76 0.85 -6.37
C HIS A 201 35.58 1.41 -7.14
N GLY A 202 35.52 2.73 -7.25
CA GLY A 202 34.38 3.40 -7.85
C GLY A 202 34.45 3.46 -9.37
N GLU A 203 33.27 3.43 -10.00
CA GLU A 203 33.11 3.58 -11.44
C GLU A 203 32.91 5.06 -11.78
N ILE A 204 33.65 5.55 -12.77
CA ILE A 204 33.55 6.96 -13.15
C ILE A 204 32.20 7.21 -13.82
N GLN A 205 31.58 8.34 -13.48
CA GLN A 205 30.29 8.70 -14.04
C GLN A 205 30.43 9.28 -15.45
N ASP A 206 29.51 8.91 -16.33
CA ASP A 206 29.44 9.49 -17.65
C ASP A 206 28.62 10.77 -17.54
N ASP A 207 29.29 11.91 -17.64
CA ASP A 207 28.59 13.19 -17.52
C ASP A 207 27.54 13.39 -18.58
N ALA A 208 27.71 12.78 -19.77
CA ALA A 208 26.73 12.97 -20.85
C ALA A 208 25.36 12.38 -20.53
N LEU A 209 25.31 11.38 -19.66
CA LEU A 209 24.05 10.71 -19.37
C LEU A 209 23.41 11.19 -18.09
N ALA A 210 23.99 12.19 -17.44
CA ALA A 210 23.56 12.58 -16.10
C ALA A 210 22.32 13.45 -16.20
N THR A 211 21.37 13.22 -15.32
CA THR A 211 20.21 14.10 -15.26
C THR A 211 20.07 14.62 -13.84
N TYR A 212 19.30 15.69 -13.71
CA TYR A 212 19.18 16.41 -12.45
C TYR A 212 17.74 16.35 -11.98
N ALA A 213 17.55 15.99 -10.71
CA ALA A 213 16.24 15.85 -10.09
C ALA A 213 15.98 17.06 -9.21
N HIS A 214 15.57 18.16 -9.84
CA HIS A 214 15.47 19.43 -9.13
C HIS A 214 14.39 19.37 -8.06
N LYS A 215 14.60 20.13 -6.98
CA LYS A 215 13.65 20.18 -5.88
C LYS A 215 12.29 20.67 -6.39
N LEU A 216 11.22 20.20 -5.73
CA LEU A 216 9.86 20.62 -6.09
C LEU A 216 9.61 22.08 -5.71
N ASN A 217 9.01 22.82 -6.62
CA ASN A 217 8.80 24.25 -6.45
C ASN A 217 7.35 24.54 -6.13
N LYS A 218 7.05 25.84 -6.00
CA LYS A 218 5.77 26.27 -5.45
C LYS A 218 4.61 25.80 -6.31
N ASP A 219 4.67 26.09 -7.61
CA ASP A 219 3.49 25.94 -8.47
C ASP A 219 3.39 24.55 -9.10
N GLU A 220 4.41 23.70 -8.89
CA GLU A 220 4.57 22.52 -9.73
C GLU A 220 3.50 21.47 -9.47
N ALA A 221 3.04 21.35 -8.22
CA ALA A 221 2.03 20.34 -7.91
C ALA A 221 0.64 20.70 -8.41
N ARG A 222 0.43 21.91 -8.94
CA ARG A 222 -0.85 22.27 -9.54
C ARG A 222 -0.92 21.71 -10.94
N LEU A 223 -2.01 21.00 -11.23
CA LEU A 223 -2.16 20.27 -12.48
C LEU A 223 -2.36 21.19 -13.68
N ASP A 224 -1.51 20.98 -14.69
CA ASP A 224 -1.60 21.63 -15.99
C ASP A 224 -2.35 20.69 -16.93
N TRP A 225 -3.62 20.97 -17.16
CA TRP A 225 -4.46 20.06 -17.93
C TRP A 225 -4.14 20.02 -19.42
N SER A 226 -3.31 20.92 -19.93
CA SER A 226 -2.91 20.89 -21.34
C SER A 226 -1.83 19.85 -21.61
N ARG A 227 -1.25 19.27 -20.56
CA ARG A 227 -0.22 18.27 -20.70
C ARG A 227 -0.85 16.96 -21.20
N PRO A 228 -0.04 16.05 -21.73
CA PRO A 228 -0.59 14.74 -22.11
C PRO A 228 -1.02 13.97 -20.87
N ALA A 229 -2.13 13.23 -20.99
CA ALA A 229 -2.70 12.53 -19.84
C ALA A 229 -1.69 11.58 -19.20
N VAL A 230 -0.84 10.96 -20.00
CA VAL A 230 0.19 10.07 -19.47
C VAL A 230 1.03 10.81 -18.43
N GLU A 231 1.44 12.03 -18.77
CA GLU A 231 2.30 12.78 -17.87
C GLU A 231 1.59 13.11 -16.57
N LEU A 232 0.32 13.54 -16.64
CA LEU A 232 -0.39 13.86 -15.41
C LEU A 232 -0.61 12.62 -14.56
N GLU A 233 -0.90 11.49 -15.20
CA GLU A 233 -1.07 10.25 -14.46
C GLU A 233 0.19 9.89 -13.68
N ARG A 234 1.37 10.08 -14.28
CA ARG A 234 2.61 9.85 -13.53
C ARG A 234 2.80 10.88 -12.44
N GLN A 235 2.47 12.14 -12.71
CA GLN A 235 2.69 13.17 -11.71
C GLN A 235 1.88 12.87 -10.45
N VAL A 236 0.63 12.46 -10.62
CA VAL A 236 -0.23 12.16 -9.48
C VAL A 236 0.42 11.09 -8.61
N ARG A 237 0.93 10.03 -9.24
CA ARG A 237 1.61 8.96 -8.51
C ARG A 237 2.90 9.47 -7.87
N ALA A 238 3.73 10.19 -8.64
CA ALA A 238 5.01 10.63 -8.12
C ALA A 238 4.85 11.49 -6.87
N PHE A 239 3.79 12.29 -6.81
CA PHE A 239 3.56 13.18 -5.69
C PHE A 239 2.67 12.55 -4.62
N THR A 240 2.51 11.26 -4.66
CA THR A 240 1.82 10.58 -3.59
C THR A 240 2.87 9.93 -2.73
N PRO A 241 2.88 10.14 -1.43
CA PRO A 241 1.94 10.89 -0.61
C PRO A 241 2.28 12.36 -0.39
N TRP A 242 3.39 12.84 -0.95
CA TRP A 242 3.75 14.23 -0.82
C TRP A 242 4.36 14.64 -2.15
N PRO A 243 4.02 15.84 -2.65
CA PRO A 243 3.21 16.91 -2.03
C PRO A 243 1.71 16.90 -2.37
N VAL A 244 1.30 15.89 -3.16
CA VAL A 244 -0.08 15.69 -3.61
C VAL A 244 -0.47 16.75 -4.64
N CYS A 245 -0.90 16.28 -5.81
CA CYS A 245 -1.35 17.17 -6.86
C CYS A 245 -2.70 17.78 -6.52
N HIS A 246 -2.95 18.98 -7.03
CA HIS A 246 -4.21 19.68 -6.81
C HIS A 246 -4.61 20.43 -8.09
N THR A 247 -5.91 20.72 -8.17
CA THR A 247 -6.48 21.60 -9.19
C THR A 247 -7.71 22.28 -8.60
N SER A 248 -8.39 23.07 -9.41
CA SER A 248 -9.54 23.80 -8.89
C SER A 248 -10.79 23.48 -9.71
N LEU A 249 -11.93 23.68 -9.06
CA LEU A 249 -13.24 23.60 -9.70
C LEU A 249 -14.13 24.68 -9.10
N ALA A 250 -14.54 25.65 -9.92
CA ALA A 250 -15.31 26.81 -9.48
C ALA A 250 -14.57 27.59 -8.40
N ASP A 251 -13.27 27.81 -8.65
CA ASP A 251 -12.37 28.52 -7.74
C ASP A 251 -12.34 27.87 -6.36
N ALA A 252 -12.67 26.57 -6.29
CA ALA A 252 -12.61 25.78 -5.06
C ALA A 252 -11.50 24.74 -5.15
N PRO A 253 -10.59 24.70 -4.18
CA PRO A 253 -9.45 23.79 -4.26
C PRO A 253 -9.87 22.33 -4.18
N LEU A 254 -8.99 21.48 -4.67
CA LEU A 254 -9.31 20.07 -4.84
C LEU A 254 -8.01 19.30 -4.98
N LYS A 255 -7.70 18.41 -4.04
CA LYS A 255 -6.49 17.60 -4.12
C LYS A 255 -6.79 16.30 -4.87
N VAL A 256 -5.88 15.91 -5.76
CA VAL A 256 -6.04 14.73 -6.57
C VAL A 256 -5.10 13.65 -6.05
N LEU A 257 -5.68 12.59 -5.50
CA LEU A 257 -4.94 11.55 -4.80
C LEU A 257 -4.90 10.22 -5.52
N GLY A 258 -5.62 10.08 -6.63
CA GLY A 258 -5.63 8.82 -7.35
C GLY A 258 -6.20 9.01 -8.74
N ALA A 259 -5.47 8.52 -9.74
CA ALA A 259 -5.87 8.70 -11.12
C ALA A 259 -5.32 7.56 -11.97
N SER A 260 -6.02 7.28 -13.06
CA SER A 260 -5.58 6.28 -14.01
C SER A 260 -5.95 6.74 -15.42
N LEU A 261 -5.29 6.14 -16.40
CA LEU A 261 -5.52 6.56 -17.78
C LEU A 261 -6.90 6.14 -18.25
N GLY A 262 -7.57 7.05 -18.96
CA GLY A 262 -8.89 6.82 -19.48
C GLY A 262 -8.88 7.09 -20.97
N GLN A 263 -10.05 7.07 -21.60
CA GLN A 263 -10.13 7.34 -23.03
C GLN A 263 -11.09 8.50 -23.30
N GLY A 264 -10.63 9.48 -24.06
CA GLY A 264 -11.45 10.63 -24.41
C GLY A 264 -10.61 11.71 -25.06
N SER A 265 -11.32 12.69 -25.63
CA SER A 265 -10.69 13.87 -26.22
C SER A 265 -11.59 15.09 -26.00
N GLY A 266 -10.97 16.23 -25.78
CA GLY A 266 -11.69 17.46 -25.55
C GLY A 266 -10.76 18.57 -25.12
N ALA A 267 -11.34 19.76 -24.94
CA ALA A 267 -10.55 20.91 -24.50
C ALA A 267 -9.98 20.63 -23.11
N PRO A 268 -8.71 20.95 -22.87
CA PRO A 268 -8.06 20.50 -21.63
C PRO A 268 -8.83 20.94 -20.39
N GLY A 269 -9.04 19.98 -19.48
CA GLY A 269 -9.72 20.24 -18.23
C GLY A 269 -11.19 19.98 -18.22
N THR A 270 -11.79 19.69 -19.37
CA THR A 270 -13.24 19.49 -19.43
C THR A 270 -13.62 18.15 -18.82
N ILE A 271 -14.63 18.17 -17.96
CA ILE A 271 -15.23 16.94 -17.45
C ILE A 271 -15.98 16.27 -18.60
N LEU A 272 -15.47 15.13 -19.07
CA LEU A 272 -16.16 14.41 -20.13
C LEU A 272 -17.29 13.56 -19.57
N GLU A 273 -17.12 13.03 -18.37
CA GLU A 273 -18.05 12.07 -17.84
C GLU A 273 -17.83 12.06 -16.34
N ALA A 274 -18.88 11.72 -15.61
CA ALA A 274 -18.79 11.55 -14.17
C ALA A 274 -19.61 10.31 -13.87
N SER A 275 -18.96 9.30 -13.28
CA SER A 275 -19.60 8.02 -13.05
C SER A 275 -19.15 7.46 -11.72
N ARG A 276 -19.71 6.30 -11.35
CA ARG A 276 -19.25 5.62 -10.15
C ARG A 276 -17.77 5.29 -10.23
N ASP A 277 -17.28 4.97 -11.43
CA ASP A 277 -15.91 4.55 -11.65
C ASP A 277 -14.93 5.71 -11.60
N GLY A 278 -15.40 6.94 -11.68
CA GLY A 278 -14.49 8.07 -11.58
C GLY A 278 -14.83 9.27 -12.45
N LEU A 279 -13.99 10.30 -12.36
CA LEU A 279 -14.19 11.58 -13.06
C LEU A 279 -13.22 11.70 -14.23
N LEU A 280 -13.74 11.54 -15.44
CA LEU A 280 -12.98 11.57 -16.68
C LEU A 280 -12.80 12.99 -17.18
N VAL A 281 -11.56 13.46 -17.26
CA VAL A 281 -11.22 14.83 -17.63
C VAL A 281 -10.38 14.83 -18.90
N ALA A 282 -10.77 15.66 -19.86
CA ALA A 282 -9.97 15.77 -21.08
C ALA A 282 -8.62 16.40 -20.77
N CYS A 283 -7.60 16.00 -21.55
CA CYS A 283 -6.26 16.54 -21.38
C CYS A 283 -5.76 17.12 -22.70
N GLY A 284 -4.46 17.47 -22.77
CA GLY A 284 -3.89 17.90 -24.04
C GLY A 284 -3.85 16.77 -25.04
N GLU A 285 -3.58 15.56 -24.56
CA GLU A 285 -3.71 14.32 -25.31
C GLU A 285 -4.44 13.32 -24.41
N GLY A 286 -5.46 12.65 -24.96
CA GLY A 286 -6.13 11.65 -24.13
C GLY A 286 -6.95 12.25 -22.98
N ALA A 287 -7.31 11.37 -22.04
CA ALA A 287 -8.10 11.75 -20.89
C ALA A 287 -7.58 11.06 -19.63
N LEU A 288 -7.93 11.63 -18.49
CA LEU A 288 -7.50 11.14 -17.19
C LEU A 288 -8.71 10.93 -16.30
N ARG A 289 -8.86 9.72 -15.76
CA ARG A 289 -9.97 9.37 -14.88
C ARG A 289 -9.48 9.57 -13.46
N LEU A 290 -10.06 10.53 -12.75
CA LEU A 290 -9.70 10.77 -11.36
C LEU A 290 -10.52 9.84 -10.47
N THR A 291 -9.83 9.06 -9.63
CA THR A 291 -10.51 8.07 -8.80
C THR A 291 -10.44 8.37 -7.30
N ARG A 292 -9.56 9.26 -6.85
CA ARG A 292 -9.43 9.55 -5.43
C ARG A 292 -9.14 11.03 -5.25
N LEU A 293 -9.99 11.71 -4.47
CA LEU A 293 -9.92 13.16 -4.29
C LEU A 293 -10.05 13.53 -2.81
N GLN A 294 -9.70 14.78 -2.50
CA GLN A 294 -9.88 15.32 -1.15
C GLN A 294 -10.22 16.81 -1.26
N LEU A 295 -11.39 17.20 -0.74
CA LEU A 295 -11.86 18.58 -0.71
C LEU A 295 -11.32 19.30 0.52
N PRO A 296 -11.33 20.63 0.54
CA PRO A 296 -10.76 21.37 1.68
C PRO A 296 -11.50 21.08 2.98
N GLY A 297 -10.74 20.73 4.02
CA GLY A 297 -11.34 20.36 5.28
C GLY A 297 -12.17 19.09 5.20
N GLY A 298 -11.73 18.12 4.39
CA GLY A 298 -12.41 16.86 4.26
C GLY A 298 -11.43 15.70 4.29
N LYS A 299 -12.00 14.43 4.14
CA LYS A 299 -11.26 13.17 4.17
C LYS A 299 -10.95 12.70 2.75
N PRO A 300 -9.88 11.92 2.57
CA PRO A 300 -9.65 11.27 1.27
C PRO A 300 -10.76 10.28 0.95
N LEU A 301 -11.35 10.44 -0.24
CA LEU A 301 -12.52 9.68 -0.63
C LEU A 301 -12.33 9.13 -2.04
N ALA A 302 -12.82 7.92 -2.26
CA ALA A 302 -12.98 7.44 -3.63
C ALA A 302 -14.02 8.32 -4.33
N PHE A 303 -13.84 8.53 -5.63
CA PHE A 303 -14.79 9.38 -6.32
C PHE A 303 -16.20 8.80 -6.24
N ALA A 304 -16.31 7.46 -6.15
CA ALA A 304 -17.61 6.81 -6.00
C ALA A 304 -18.37 7.32 -4.77
N ASP A 305 -17.67 7.50 -3.63
CA ASP A 305 -18.29 8.05 -2.43
C ASP A 305 -18.66 9.52 -2.62
N LEU A 306 -17.94 10.23 -3.48
CA LEU A 306 -18.28 11.58 -3.86
C LEU A 306 -19.38 11.64 -4.91
N TYR A 307 -19.48 10.61 -5.78
CA TYR A 307 -20.45 10.64 -6.87
C TYR A 307 -21.89 10.64 -6.37
N ASN A 308 -22.20 9.85 -5.34
CA ASN A 308 -23.57 9.82 -4.85
C ASN A 308 -23.92 11.04 -3.99
N SER A 309 -22.93 11.88 -3.66
CA SER A 309 -23.10 13.03 -2.77
C SER A 309 -22.76 14.37 -3.41
N ARG A 310 -21.97 14.38 -4.50
CA ARG A 310 -21.58 15.58 -5.22
C ARG A 310 -21.95 15.47 -6.70
N ARG A 311 -22.96 14.62 -7.00
CA ARG A 311 -23.42 14.33 -8.35
C ARG A 311 -23.43 15.55 -9.27
N GLU A 312 -24.21 16.57 -8.91
CA GLU A 312 -24.39 17.68 -9.82
C GLU A 312 -23.19 18.64 -9.85
N GLN A 313 -22.40 18.67 -8.77
CA GLN A 313 -21.25 19.57 -8.70
C GLN A 313 -20.19 19.24 -9.74
N PHE A 314 -20.07 17.97 -10.09
CA PHE A 314 -19.13 17.52 -11.12
C PHE A 314 -19.89 17.15 -12.39
N ALA A 315 -20.80 18.02 -12.81
CA ALA A 315 -21.57 17.75 -14.00
C ALA A 315 -20.70 17.94 -15.23
N ALA A 316 -20.92 17.12 -16.25
CA ALA A 316 -20.09 17.15 -17.43
C ALA A 316 -20.17 18.52 -18.10
N GLY A 317 -19.07 18.92 -18.70
CA GLY A 317 -18.97 20.21 -19.36
C GLY A 317 -18.28 21.29 -18.55
N GLN A 318 -18.20 21.13 -17.23
CA GLN A 318 -17.40 22.08 -16.48
C GLN A 318 -15.92 21.84 -16.78
N VAL A 319 -15.11 22.86 -16.46
CA VAL A 319 -13.68 22.85 -16.75
C VAL A 319 -12.94 23.09 -15.44
N LEU A 320 -11.92 22.27 -15.19
CA LEU A 320 -11.11 22.41 -13.99
C LEU A 320 -9.96 23.37 -14.26
N GLY A 321 -9.63 24.20 -13.27
CA GLY A 321 -8.61 25.22 -13.39
C GLY A 321 -9.20 26.62 -13.33
N GLN B 11 9.78 58.53 3.38
CA GLN B 11 10.16 57.77 2.20
C GLN B 11 9.94 56.27 2.40
N ALA B 12 9.33 55.62 1.41
CA ALA B 12 9.06 54.20 1.47
C ALA B 12 10.20 53.41 0.83
N LEU B 13 10.45 52.21 1.34
CA LEU B 13 11.65 51.47 0.96
C LEU B 13 11.30 50.14 0.32
N ARG B 14 12.20 49.67 -0.55
CA ARG B 14 12.15 48.29 -1.03
C ARG B 14 12.91 47.44 -0.01
N ILE B 15 12.20 46.51 0.62
CA ILE B 15 12.75 45.74 1.74
C ILE B 15 12.81 44.24 1.38
N VAL B 16 13.91 43.59 1.75
CA VAL B 16 13.97 42.13 1.79
C VAL B 16 13.83 41.68 3.23
N PHE B 17 12.93 40.72 3.47
CA PHE B 17 12.69 40.15 4.79
C PHE B 17 13.19 38.70 4.85
N ALA B 18 13.94 38.36 5.90
CA ALA B 18 14.45 37.01 6.08
C ALA B 18 14.16 36.55 7.51
N GLY B 19 13.50 35.40 7.65
CA GLY B 19 13.13 34.89 8.95
C GLY B 19 12.46 33.53 8.86
N THR B 20 12.28 32.89 10.04
CA THR B 20 11.78 31.52 10.04
C THR B 20 10.61 31.25 11.00
N PRO B 21 10.75 31.37 12.33
CA PRO B 21 9.66 30.93 13.22
C PRO B 21 8.55 31.96 13.40
N GLU B 22 7.57 31.60 14.24
CA GLU B 22 6.43 32.46 14.48
C GLU B 22 6.86 33.83 14.99
N PHE B 23 7.91 33.89 15.79
CA PHE B 23 8.40 35.18 16.25
C PHE B 23 8.72 36.09 15.08
N ALA B 24 9.34 35.52 14.03
CA ALA B 24 9.69 36.28 12.83
C ALA B 24 8.45 36.64 12.03
N ALA B 25 7.46 35.75 11.98
CA ALA B 25 6.29 35.99 11.16
C ALA B 25 5.47 37.17 11.65
N GLU B 26 5.46 37.43 12.95
CA GLU B 26 4.73 38.59 13.47
C GLU B 26 5.42 39.89 13.05
N HIS B 27 6.73 39.85 12.81
CA HIS B 27 7.42 41.03 12.30
C HIS B 27 7.03 41.29 10.85
N LEU B 28 7.02 40.23 10.03
CA LEU B 28 6.57 40.33 8.64
C LEU B 28 5.10 40.71 8.58
N LYS B 29 4.28 40.15 9.48
CA LYS B 29 2.87 40.51 9.51
C LYS B 29 2.68 42.01 9.69
N ALA B 30 3.50 42.63 10.54
CA ALA B 30 3.37 44.07 10.76
C ALA B 30 3.98 44.86 9.62
N LEU B 31 5.02 44.34 8.98
CA LEU B 31 5.57 45.06 7.83
C LEU B 31 4.57 45.15 6.68
N LEU B 32 3.73 44.12 6.50
CA LEU B 32 2.80 44.12 5.39
C LEU B 32 1.83 45.27 5.46
N ASP B 33 1.55 45.78 6.67
CA ASP B 33 0.69 46.94 6.87
C ASP B 33 1.44 48.25 6.80
N THR B 34 2.59 48.30 6.14
CA THR B 34 3.26 49.58 6.02
C THR B 34 3.37 49.95 4.55
N PRO B 35 3.70 51.20 4.23
CA PRO B 35 3.91 51.57 2.82
C PRO B 35 5.19 50.98 2.20
N HIS B 36 6.00 50.20 2.91
CA HIS B 36 7.18 49.63 2.27
C HIS B 36 6.81 48.44 1.37
N ARG B 37 7.68 48.19 0.38
CA ARG B 37 7.48 47.12 -0.58
C ARG B 37 8.34 45.92 -0.17
N ILE B 38 7.68 44.82 0.16
CA ILE B 38 8.36 43.59 0.49
C ILE B 38 8.66 42.88 -0.84
N VAL B 39 9.88 43.03 -1.33
CA VAL B 39 10.20 42.52 -2.66
C VAL B 39 10.50 41.02 -2.65
N ALA B 40 10.82 40.44 -1.51
CA ALA B 40 11.08 39.01 -1.42
C ALA B 40 11.13 38.63 0.05
N VAL B 41 10.82 37.37 0.32
CA VAL B 41 10.86 36.85 1.67
C VAL B 41 11.80 35.64 1.67
N TYR B 42 12.92 35.77 2.37
CA TYR B 42 13.87 34.67 2.54
C TYR B 42 13.50 33.87 3.79
N THR B 43 13.68 32.56 3.72
CA THR B 43 13.44 31.72 4.89
C THR B 43 14.27 30.45 4.77
N GLN B 44 14.18 29.61 5.79
CA GLN B 44 14.93 28.37 5.83
C GLN B 44 14.32 27.39 4.84
N PRO B 45 15.11 26.51 4.25
CA PRO B 45 14.54 25.46 3.40
C PRO B 45 13.60 24.58 4.19
N ASP B 46 12.52 24.13 3.55
CA ASP B 46 11.56 23.27 4.25
C ASP B 46 12.29 22.07 4.84
N ARG B 47 12.11 21.85 6.09
CA ARG B 47 12.81 20.71 6.67
C ARG B 47 11.91 19.49 6.78
N PRO B 48 12.52 18.30 6.79
CA PRO B 48 11.75 17.05 6.83
C PRO B 48 11.01 16.79 8.13
N ALA B 49 9.82 16.21 7.99
CA ALA B 49 9.06 15.77 9.15
C ALA B 49 9.75 14.57 9.80
N GLY B 50 9.25 14.17 10.97
CA GLY B 50 9.85 13.07 11.69
C GLY B 50 9.70 11.73 11.02
N ARG B 51 8.70 11.57 10.16
CA ARG B 51 8.44 10.32 9.49
C ARG B 51 8.02 10.64 8.08
N GLY B 52 8.23 9.71 7.17
CA GLY B 52 7.79 9.93 5.81
C GLY B 52 8.68 10.89 5.04
N GLN B 53 8.09 11.51 4.01
CA GLN B 53 8.83 12.36 3.09
C GLN B 53 8.36 13.81 3.03
N LYS B 54 7.34 14.17 3.80
CA LYS B 54 6.80 15.53 3.74
C LYS B 54 7.86 16.54 4.19
N LEU B 55 7.83 17.72 3.59
CA LEU B 55 8.71 18.82 3.96
C LEU B 55 7.83 19.90 4.58
N MET B 56 8.13 20.28 5.82
CA MET B 56 7.20 21.19 6.48
C MET B 56 7.55 22.64 6.16
N PRO B 57 6.57 23.47 5.81
CA PRO B 57 6.86 24.90 5.57
C PRO B 57 6.98 25.66 6.89
N SER B 58 7.95 26.57 6.93
CA SER B 58 8.16 27.42 8.10
C SER B 58 7.00 28.39 8.30
N ALA B 59 6.93 28.95 9.52
CA ALA B 59 5.86 29.89 9.82
C ALA B 59 5.88 31.10 8.88
N VAL B 60 7.07 31.64 8.64
CA VAL B 60 7.22 32.77 7.74
C VAL B 60 6.79 32.41 6.32
N LYS B 61 7.15 31.20 5.88
CA LYS B 61 6.82 30.79 4.52
C LYS B 61 5.31 30.76 4.32
N SER B 62 4.59 30.21 5.30
CA SER B 62 3.13 30.12 5.19
C SER B 62 2.53 31.50 5.04
N LEU B 63 3.04 32.46 5.78
CA LEU B 63 2.55 33.83 5.70
C LEU B 63 2.86 34.46 4.34
N ALA B 64 4.07 34.25 3.82
CA ALA B 64 4.39 34.86 2.53
C ALA B 64 3.51 34.31 1.41
N LEU B 65 3.30 32.99 1.40
CA LEU B 65 2.42 32.38 0.41
C LEU B 65 1.00 32.90 0.54
N GLU B 66 0.49 32.98 1.77
CA GLU B 66 -0.83 33.52 2.03
C GLU B 66 -0.98 34.94 1.51
N HIS B 67 0.12 35.69 1.35
CA HIS B 67 0.10 37.04 0.81
C HIS B 67 0.69 37.17 -0.60
N GLY B 68 1.00 36.06 -1.26
CA GLY B 68 1.46 36.07 -2.64
C GLY B 68 2.82 36.65 -2.84
N LEU B 69 3.59 36.65 -1.88
CA LEU B 69 4.92 37.20 -1.94
C LEU B 69 5.90 36.15 -2.44
N PRO B 70 6.93 36.58 -3.16
CA PRO B 70 7.99 35.66 -3.57
C PRO B 70 8.77 35.13 -2.37
N VAL B 71 9.05 33.84 -2.38
CA VAL B 71 9.75 33.19 -1.29
C VAL B 71 11.06 32.62 -1.82
N MET B 72 12.17 33.04 -1.21
CA MET B 72 13.51 32.56 -1.56
C MET B 72 14.03 31.71 -0.41
N GLN B 73 14.46 30.49 -0.72
CA GLN B 73 14.87 29.51 0.28
C GLN B 73 16.22 28.88 -0.06
N PRO B 74 17.27 29.69 -0.25
CA PRO B 74 18.59 29.12 -0.46
C PRO B 74 19.07 28.48 0.83
N GLN B 75 19.88 27.44 0.70
CA GLN B 75 20.38 26.80 1.90
C GLN B 75 21.58 27.53 2.49
N SER B 76 22.28 28.34 1.69
CA SER B 76 23.37 29.17 2.22
C SER B 76 23.50 30.41 1.36
N LEU B 77 23.90 31.50 2.01
CA LEU B 77 24.13 32.76 1.33
C LEU B 77 25.61 33.00 1.04
N ARG B 78 26.48 32.03 1.34
CA ARG B 78 27.91 32.22 1.12
C ARG B 78 28.36 31.77 -0.25
N ASN B 79 27.44 31.56 -1.19
CA ASN B 79 27.82 31.27 -2.56
C ASN B 79 27.44 32.42 -3.48
N ALA B 80 28.12 32.48 -4.63
CA ALA B 80 27.98 33.58 -5.58
C ALA B 80 26.59 33.65 -6.22
N GLU B 81 25.91 32.51 -6.39
CA GLU B 81 24.60 32.54 -7.02
C GLU B 81 23.56 33.26 -6.15
N ALA B 82 23.48 32.90 -4.87
CA ALA B 82 22.50 33.54 -4.01
C ALA B 82 22.81 35.01 -3.79
N GLN B 83 24.09 35.37 -3.75
CA GLN B 83 24.44 36.78 -3.63
C GLN B 83 24.01 37.56 -4.87
N ALA B 84 24.17 36.98 -6.06
CA ALA B 84 23.70 37.64 -7.28
C ALA B 84 22.18 37.77 -7.30
N GLU B 85 21.46 36.73 -6.87
CA GLU B 85 20.00 36.76 -6.80
C GLU B 85 19.52 37.85 -5.85
N LEU B 86 20.21 38.03 -4.72
CA LEU B 86 19.82 39.05 -3.76
C LEU B 86 20.08 40.45 -4.29
N ALA B 87 21.23 40.68 -4.93
CA ALA B 87 21.50 42.01 -5.46
C ALA B 87 20.48 42.39 -6.52
N ALA B 88 19.98 41.42 -7.28
CA ALA B 88 19.03 41.70 -8.36
C ALA B 88 17.70 42.25 -7.86
N LEU B 89 17.38 42.05 -6.58
CA LEU B 89 16.15 42.57 -6.00
C LEU B 89 16.21 44.06 -5.70
N ARG B 90 17.39 44.66 -5.80
CA ARG B 90 17.56 46.11 -5.65
C ARG B 90 16.91 46.63 -4.38
N ALA B 91 17.25 45.99 -3.26
CA ALA B 91 16.64 46.32 -1.98
C ALA B 91 17.36 47.48 -1.29
N ASP B 92 16.59 48.34 -0.63
CA ASP B 92 17.16 49.37 0.22
C ASP B 92 17.57 48.81 1.58
N LEU B 93 16.91 47.76 2.05
CA LEU B 93 17.14 47.30 3.40
C LEU B 93 16.75 45.84 3.50
N MET B 94 17.50 45.11 4.30
CA MET B 94 17.20 43.72 4.63
C MET B 94 16.90 43.66 6.11
N VAL B 95 15.71 43.18 6.43
CA VAL B 95 15.26 43.02 7.80
C VAL B 95 15.31 41.55 8.15
N VAL B 96 16.11 41.19 9.16
CA VAL B 96 16.42 39.81 9.49
C VAL B 96 15.92 39.49 10.90
N VAL B 97 15.11 38.46 11.03
CA VAL B 97 14.51 38.08 12.31
C VAL B 97 14.50 36.56 12.46
N ALA B 98 15.32 36.03 13.36
CA ALA B 98 15.34 34.60 13.65
C ALA B 98 15.44 33.80 12.37
N TYR B 99 16.39 34.21 11.53
CA TYR B 99 16.75 33.52 10.30
C TYR B 99 17.87 32.54 10.65
N GLY B 100 17.71 31.29 10.24
CA GLY B 100 18.72 30.34 10.67
C GLY B 100 20.10 30.56 10.10
N LEU B 101 20.22 31.32 9.02
CA LEU B 101 21.45 31.32 8.24
C LEU B 101 22.37 32.49 8.57
N ILE B 102 23.65 32.28 8.31
CA ILE B 102 24.70 33.25 8.56
C ILE B 102 24.81 34.22 7.40
N LEU B 103 24.76 35.53 7.72
CA LEU B 103 24.93 36.56 6.70
C LEU B 103 26.39 36.97 6.61
N PRO B 104 27.12 36.59 5.55
CA PRO B 104 28.52 37.00 5.44
C PRO B 104 28.64 38.47 5.06
N GLN B 105 29.88 38.95 5.11
CA GLN B 105 30.14 40.36 4.84
C GLN B 105 29.67 40.77 3.46
N ALA B 106 29.87 39.92 2.46
CA ALA B 106 29.47 40.24 1.10
C ALA B 106 27.97 40.51 0.99
N VAL B 107 27.15 39.89 1.86
CA VAL B 107 25.70 40.10 1.82
C VAL B 107 25.32 41.40 2.52
N LEU B 108 25.95 41.67 3.67
CA LEU B 108 25.73 42.93 4.36
C LEU B 108 26.05 44.12 3.48
N ASP B 109 26.97 43.96 2.54
CA ASP B 109 27.33 45.09 1.68
C ASP B 109 26.34 45.34 0.55
N ILE B 110 25.43 44.41 0.29
CA ILE B 110 24.56 44.46 -0.90
C ILE B 110 23.42 45.47 -0.74
N PRO B 111 22.58 45.38 0.30
CA PRO B 111 21.50 46.36 0.42
C PRO B 111 22.05 47.76 0.74
N ARG B 112 21.33 48.75 0.23
CA ARG B 112 21.76 50.14 0.35
C ARG B 112 22.02 50.49 1.81
N LEU B 113 21.11 50.11 2.69
CA LEU B 113 21.25 50.43 4.10
C LEU B 113 21.71 49.24 4.91
N GLY B 114 22.17 48.20 4.23
CA GLY B 114 22.65 47.02 4.91
C GLY B 114 21.51 46.18 5.45
N CYS B 115 21.81 45.45 6.52
CA CYS B 115 20.89 44.48 7.10
C CYS B 115 20.69 44.77 8.59
N ILE B 116 19.42 44.78 9.04
CA ILE B 116 19.11 44.99 10.44
C ILE B 116 18.42 43.76 10.98
N ASN B 117 18.62 43.54 12.27
CA ASN B 117 18.14 42.35 12.94
C ASN B 117 17.25 42.75 14.11
N SER B 118 16.21 41.97 14.36
CA SER B 118 15.40 42.13 15.56
C SER B 118 15.79 41.01 16.51
N HIS B 119 16.57 41.37 17.53
CA HIS B 119 17.10 40.40 18.48
C HIS B 119 16.33 40.44 19.79
N ALA B 120 15.92 39.27 20.27
CA ALA B 120 14.97 39.19 21.37
C ALA B 120 15.69 39.22 22.72
N SER B 121 16.40 40.33 22.95
CA SER B 121 17.05 40.60 24.23
C SER B 121 17.46 42.07 24.24
N LEU B 122 17.89 42.53 25.42
CA LEU B 122 18.48 43.86 25.52
C LEU B 122 19.98 43.72 25.30
N LEU B 123 20.41 43.85 24.05
CA LEU B 123 21.83 43.73 23.81
C LEU B 123 22.55 44.81 24.60
N PRO B 124 23.81 44.56 25.01
CA PRO B 124 24.68 43.42 24.68
C PRO B 124 24.46 42.14 25.52
N ARG B 125 23.40 42.07 26.32
CA ARG B 125 23.12 40.84 27.04
C ARG B 125 22.45 39.80 26.14
N TRP B 126 22.92 38.57 26.24
CA TRP B 126 22.30 37.43 25.57
C TRP B 126 22.39 37.55 24.05
N ARG B 127 23.58 37.91 23.56
CA ARG B 127 23.91 37.62 22.18
C ARG B 127 23.74 36.12 21.94
N GLY B 128 23.14 35.76 20.80
CA GLY B 128 23.18 34.40 20.34
C GLY B 128 21.79 33.77 20.21
N ALA B 129 21.75 32.45 20.44
CA ALA B 129 20.75 31.56 19.87
C ALA B 129 19.44 31.55 20.63
N ALA B 130 19.51 31.59 21.96
CA ALA B 130 18.34 31.41 22.82
C ALA B 130 18.25 32.53 23.83
N PRO B 131 18.09 33.78 23.39
CA PRO B 131 18.02 34.88 24.38
C PRO B 131 16.79 34.86 25.29
N ILE B 132 15.66 34.32 24.82
CA ILE B 132 14.45 34.33 25.65
C ILE B 132 14.62 33.42 26.86
N GLN B 133 15.03 32.16 26.63
CA GLN B 133 15.14 31.25 27.76
C GLN B 133 16.23 31.71 28.74
N ARG B 134 17.42 32.02 28.22
CA ARG B 134 18.55 32.34 29.10
C ARG B 134 18.27 33.56 29.98
N ALA B 135 17.57 34.56 29.46
CA ALA B 135 17.26 35.73 30.26
C ALA B 135 16.38 35.36 31.44
N VAL B 136 15.36 34.53 31.22
CA VAL B 136 14.54 34.11 32.35
C VAL B 136 15.34 33.20 33.29
N GLU B 137 16.17 32.31 32.71
CA GLU B 137 16.92 31.36 33.52
C GLU B 137 17.91 32.08 34.46
N ALA B 138 18.51 33.16 33.99
CA ALA B 138 19.56 33.84 34.73
C ALA B 138 19.02 34.80 35.75
N GLY B 139 17.71 35.01 35.76
CA GLY B 139 17.15 35.94 36.71
C GLY B 139 17.27 37.40 36.35
N ASP B 140 17.35 37.73 35.06
CA ASP B 140 17.28 39.13 34.69
C ASP B 140 15.93 39.69 35.14
N ALA B 141 15.92 40.95 35.58
CA ALA B 141 14.68 41.58 35.98
C ALA B 141 13.88 42.13 34.81
N GLU B 142 14.52 42.36 33.66
CA GLU B 142 13.81 42.83 32.48
C GLU B 142 14.48 42.22 31.25
N SER B 143 13.77 42.27 30.14
CA SER B 143 14.35 41.94 28.86
C SER B 143 13.71 42.83 27.81
N GLY B 144 13.91 42.51 26.53
CA GLY B 144 13.32 43.33 25.49
C GLY B 144 13.77 42.89 24.12
N VAL B 145 13.73 43.85 23.19
CA VAL B 145 14.14 43.64 21.81
C VAL B 145 15.12 44.75 21.43
N THR B 146 16.18 44.39 20.73
CA THR B 146 17.11 45.36 20.18
C THR B 146 17.09 45.24 18.66
N VAL B 147 16.74 46.32 17.99
CA VAL B 147 16.93 46.39 16.54
C VAL B 147 18.34 46.89 16.34
N MET B 148 19.19 46.04 15.76
CA MET B 148 20.61 46.36 15.60
C MET B 148 21.03 46.30 14.14
N GLN B 149 22.09 47.04 13.81
CA GLN B 149 22.70 46.97 12.49
C GLN B 149 23.66 45.80 12.43
N MET B 150 23.36 44.82 11.58
CA MET B 150 24.11 43.58 11.61
C MET B 150 25.54 43.80 11.12
N GLU B 151 26.48 43.22 11.84
CA GLU B 151 27.89 43.21 11.47
C GLU B 151 28.31 41.78 11.18
N ALA B 152 29.60 41.62 10.88
CA ALA B 152 30.13 40.29 10.63
C ALA B 152 30.04 39.44 11.88
N GLY B 153 30.35 40.01 13.03
CA GLY B 153 30.34 39.25 14.25
C GLY B 153 28.97 38.72 14.63
N LEU B 154 28.97 37.89 15.66
CA LEU B 154 27.75 37.28 16.15
C LEU B 154 27.08 38.26 17.09
N ASP B 155 26.00 38.89 16.60
CA ASP B 155 25.17 39.81 17.38
C ASP B 155 25.99 40.92 18.04
N THR B 156 27.00 41.43 17.32
CA THR B 156 27.90 42.46 17.85
C THR B 156 27.62 43.86 17.34
N GLY B 157 26.75 44.05 16.34
CA GLY B 157 26.60 45.32 15.65
C GLY B 157 25.98 46.44 16.45
N PRO B 158 26.00 47.66 15.89
CA PRO B 158 25.46 48.82 16.64
C PRO B 158 23.97 48.71 16.89
N MET B 159 23.56 49.21 18.06
CA MET B 159 22.19 49.13 18.53
C MET B 159 21.44 50.39 18.12
N LEU B 160 20.38 50.21 17.36
CA LEU B 160 19.56 51.30 16.85
C LEU B 160 18.42 51.67 17.78
N LEU B 161 17.73 50.67 18.33
CA LEU B 161 16.53 50.94 19.10
C LEU B 161 16.30 49.77 20.03
N LYS B 162 15.83 50.06 21.23
CA LYS B 162 15.50 49.05 22.20
C LYS B 162 14.10 49.31 22.74
N VAL B 163 13.41 48.24 23.08
CA VAL B 163 12.16 48.32 23.80
C VAL B 163 12.20 47.22 24.85
N SER B 164 11.84 47.54 26.09
CA SER B 164 11.97 46.61 27.19
C SER B 164 10.62 46.21 27.76
N THR B 165 10.65 45.10 28.52
CA THR B 165 9.51 44.57 29.27
C THR B 165 10.04 43.86 30.51
N PRO B 166 9.33 43.92 31.64
CA PRO B 166 9.84 43.30 32.86
C PRO B 166 9.66 41.79 32.83
N ILE B 167 10.48 41.11 33.64
CA ILE B 167 10.34 39.69 33.90
C ILE B 167 9.89 39.52 35.34
N SER B 168 8.65 39.09 35.52
CA SER B 168 8.08 38.86 36.84
C SER B 168 8.42 37.47 37.37
N ALA B 169 8.10 37.25 38.65
CA ALA B 169 8.32 35.92 39.23
C ALA B 169 7.49 34.85 38.55
N ALA B 170 6.42 35.22 37.84
CA ALA B 170 5.54 34.27 37.20
C ALA B 170 5.83 34.03 35.72
N ASP B 171 6.71 34.82 35.11
CA ASP B 171 6.94 34.75 33.67
C ASP B 171 7.61 33.44 33.26
N THR B 172 7.18 32.90 32.11
CA THR B 172 7.81 31.74 31.50
C THR B 172 8.52 32.15 30.21
N GLY B 173 9.15 31.17 29.56
CA GLY B 173 9.68 31.44 28.22
C GLY B 173 8.58 31.88 27.28
N GLY B 174 7.40 31.28 27.40
CA GLY B 174 6.30 31.63 26.52
C GLY B 174 5.67 32.98 26.82
N SER B 175 5.50 33.33 28.09
CA SER B 175 4.86 34.61 28.35
C SER B 175 5.74 35.77 27.91
N LEU B 176 7.05 35.63 28.08
CA LEU B 176 7.96 36.65 27.57
C LEU B 176 8.04 36.61 26.04
N HIS B 177 8.07 35.41 25.43
CA HIS B 177 8.04 35.31 23.97
C HIS B 177 6.80 35.99 23.38
N ASP B 178 5.62 35.74 23.96
CA ASP B 178 4.41 36.30 23.37
C ASP B 178 4.44 37.82 23.42
N ARG B 179 5.02 38.36 24.48
CA ARG B 179 5.14 39.80 24.68
C ARG B 179 6.23 40.40 23.79
N LEU B 180 7.38 39.73 23.66
CA LEU B 180 8.41 40.27 22.76
C LEU B 180 7.94 40.17 21.33
N ALA B 181 7.08 39.20 21.03
CA ALA B 181 6.52 39.05 19.69
C ALA B 181 5.51 40.15 19.34
N ALA B 182 5.03 40.90 20.34
CA ALA B 182 4.25 42.08 20.05
C ALA B 182 5.10 43.36 20.02
N LEU B 183 6.07 43.48 20.93
CA LEU B 183 6.89 44.69 20.98
C LEU B 183 7.83 44.76 19.80
N GLY B 184 8.41 43.62 19.41
CA GLY B 184 9.39 43.57 18.35
C GLY B 184 8.94 44.19 17.04
N PRO B 185 7.81 43.75 16.50
CA PRO B 185 7.33 44.33 15.23
C PRO B 185 7.12 45.83 15.27
N LYS B 186 6.56 46.38 16.36
CA LYS B 186 6.42 47.83 16.46
C LYS B 186 7.78 48.52 16.48
N ALA B 187 8.74 47.93 17.18
CA ALA B 187 10.07 48.53 17.26
C ALA B 187 10.76 48.57 15.91
N VAL B 188 10.63 47.50 15.12
CA VAL B 188 11.29 47.48 13.81
C VAL B 188 10.70 48.55 12.89
N ILE B 189 9.38 48.70 12.88
CA ILE B 189 8.74 49.71 12.02
C ILE B 189 9.30 51.08 12.34
N GLU B 190 9.41 51.39 13.63
CA GLU B 190 9.89 52.70 14.07
C GLU B 190 11.32 52.92 13.68
N ALA B 191 12.16 51.89 13.83
CA ALA B 191 13.56 52.04 13.45
C ALA B 191 13.69 52.21 11.94
N ILE B 192 12.89 51.49 11.15
CA ILE B 192 12.92 51.63 9.70
C ILE B 192 12.58 53.07 9.31
N ALA B 193 11.62 53.68 10.00
CA ALA B 193 11.21 55.05 9.69
C ALA B 193 12.36 56.04 9.89
N GLY B 194 13.10 55.90 11.01
CA GLY B 194 14.26 56.74 11.24
C GLY B 194 15.40 56.44 10.28
N LEU B 195 15.56 55.18 9.91
CA LEU B 195 16.61 54.83 8.95
C LEU B 195 16.34 55.43 7.58
N ALA B 196 15.08 55.41 7.14
CA ALA B 196 14.73 56.01 5.84
C ALA B 196 14.89 57.52 5.85
N ALA B 197 14.68 58.14 7.00
CA ALA B 197 14.88 59.57 7.15
C ALA B 197 16.35 59.94 7.32
N GLY B 198 17.24 58.97 7.43
CA GLY B 198 18.63 59.26 7.74
C GLY B 198 18.87 59.81 9.14
N THR B 199 17.91 59.68 10.05
CA THR B 199 18.02 60.34 11.34
C THR B 199 18.41 59.41 12.49
N LEU B 200 18.58 58.12 12.23
CA LEU B 200 18.79 57.13 13.27
C LEU B 200 20.22 56.59 13.25
N HIS B 201 20.94 56.77 14.34
CA HIS B 201 22.33 56.34 14.44
C HIS B 201 22.48 55.30 15.54
N GLY B 202 23.46 54.41 15.35
CA GLY B 202 23.64 53.28 16.25
C GLY B 202 24.60 53.54 17.39
N GLU B 203 24.30 52.89 18.51
CA GLU B 203 25.16 52.88 19.69
C GLU B 203 26.07 51.65 19.64
N ILE B 204 27.37 51.88 19.71
CA ILE B 204 28.35 50.79 19.66
C ILE B 204 28.26 50.00 20.96
N GLN B 205 28.33 48.68 20.86
CA GLN B 205 28.23 47.81 22.02
C GLN B 205 29.51 47.78 22.83
N ASP B 206 29.35 47.72 24.16
CA ASP B 206 30.46 47.48 25.09
C ASP B 206 30.63 45.97 25.27
N ASP B 207 31.69 45.43 24.69
CA ASP B 207 31.96 44.01 24.78
C ASP B 207 32.13 43.55 26.21
N ALA B 208 32.56 44.45 27.12
CA ALA B 208 32.75 44.07 28.51
C ALA B 208 31.45 43.68 29.21
N LEU B 209 30.30 44.15 28.73
CA LEU B 209 29.03 43.80 29.34
C LEU B 209 28.24 42.74 28.59
N ALA B 210 28.82 42.13 27.56
CA ALA B 210 28.07 41.21 26.69
C ALA B 210 27.97 39.83 27.29
N THR B 211 26.80 39.22 27.19
CA THR B 211 26.66 37.83 27.59
C THR B 211 26.07 37.04 26.43
N TYR B 212 26.24 35.72 26.52
CA TYR B 212 25.89 34.85 25.42
C TYR B 212 24.84 33.85 25.85
N ALA B 213 23.79 33.76 25.03
CA ALA B 213 22.63 32.91 25.30
C ALA B 213 22.74 31.64 24.46
N HIS B 214 23.58 30.71 24.93
CA HIS B 214 23.92 29.51 24.17
C HIS B 214 22.70 28.61 23.93
N LYS B 215 22.70 27.94 22.76
CA LYS B 215 21.63 27.02 22.41
C LYS B 215 21.53 25.92 23.45
N LEU B 216 20.30 25.48 23.71
CA LEU B 216 20.07 24.42 24.69
C LEU B 216 20.60 23.10 24.16
N ASN B 217 21.27 22.34 25.02
CA ASN B 217 21.86 21.06 24.66
C ASN B 217 21.04 19.92 25.26
N LYS B 218 21.50 18.67 25.05
CA LYS B 218 20.65 17.50 25.31
C LYS B 218 20.29 17.39 26.80
N ASP B 219 21.29 17.42 27.68
CA ASP B 219 21.07 16.99 29.04
C ASP B 219 20.67 18.10 30.00
N GLU B 220 20.74 19.36 29.59
CA GLU B 220 20.63 20.40 30.61
C GLU B 220 19.18 20.57 31.10
N ALA B 221 18.20 20.22 30.27
CA ALA B 221 16.84 20.33 30.74
C ALA B 221 16.52 19.30 31.81
N ARG B 222 17.44 18.35 32.06
CA ARG B 222 17.29 17.42 33.17
C ARG B 222 17.71 18.11 34.46
N LEU B 223 16.83 18.06 35.45
CA LEU B 223 17.03 18.82 36.67
C LEU B 223 18.19 18.26 37.47
N ASP B 224 19.13 19.13 37.82
CA ASP B 224 20.23 18.80 38.72
C ASP B 224 19.78 19.19 40.12
N TRP B 225 19.39 18.20 40.93
CA TRP B 225 18.84 18.55 42.24
C TRP B 225 19.89 19.10 43.21
N SER B 226 21.18 19.05 42.88
CA SER B 226 22.22 19.65 43.73
C SER B 226 22.27 21.17 43.60
N ARG B 227 21.59 21.74 42.61
CA ARG B 227 21.57 23.19 42.46
C ARG B 227 20.63 23.78 43.51
N PRO B 228 20.78 25.07 43.82
CA PRO B 228 19.85 25.71 44.78
C PRO B 228 18.47 25.84 44.19
N ALA B 229 17.47 25.77 45.08
CA ALA B 229 16.08 25.74 44.64
C ALA B 229 15.73 26.93 43.76
N VAL B 230 16.31 28.11 44.07
CA VAL B 230 16.05 29.30 43.25
C VAL B 230 16.42 29.04 41.80
N GLU B 231 17.59 28.44 41.57
CA GLU B 231 18.00 28.21 40.19
C GLU B 231 17.05 27.23 39.52
N LEU B 232 16.64 26.19 40.24
CA LEU B 232 15.70 25.25 39.66
C LEU B 232 14.32 25.88 39.46
N GLU B 233 13.87 26.74 40.38
CA GLU B 233 12.58 27.41 40.18
C GLU B 233 12.56 28.22 38.88
N ARG B 234 13.65 28.94 38.60
CA ARG B 234 13.70 29.69 37.36
C ARG B 234 13.79 28.77 36.15
N GLN B 235 14.56 27.70 36.26
CA GLN B 235 14.78 26.84 35.11
C GLN B 235 13.47 26.22 34.65
N VAL B 236 12.62 25.78 35.60
CA VAL B 236 11.31 25.23 35.24
C VAL B 236 10.51 26.26 34.47
N ARG B 237 10.52 27.51 34.94
CA ARG B 237 9.77 28.57 34.28
C ARG B 237 10.35 28.88 32.91
N ALA B 238 11.67 29.03 32.82
CA ALA B 238 12.25 29.44 31.55
C ALA B 238 12.00 28.41 30.47
N PHE B 239 11.97 27.12 30.83
CA PHE B 239 11.83 26.07 29.84
C PHE B 239 10.38 25.68 29.60
N THR B 240 9.44 26.57 29.94
CA THR B 240 8.04 26.43 29.66
C THR B 240 7.68 27.38 28.52
N PRO B 241 7.03 26.90 27.44
CA PRO B 241 6.50 25.56 27.23
C PRO B 241 7.43 24.59 26.54
N TRP B 242 8.65 25.05 26.21
CA TRP B 242 9.66 24.23 25.58
C TRP B 242 11.02 24.64 26.12
N PRO B 243 11.91 23.67 26.40
CA PRO B 243 11.80 22.22 26.18
C PRO B 243 11.25 21.39 27.33
N VAL B 244 10.85 22.01 28.44
CA VAL B 244 10.28 21.37 29.63
C VAL B 244 11.35 20.63 30.43
N CYS B 245 11.50 21.01 31.71
CA CYS B 245 12.41 20.31 32.58
C CYS B 245 11.87 18.94 32.89
N HIS B 246 12.77 17.99 33.13
CA HIS B 246 12.36 16.64 33.46
C HIS B 246 13.32 16.06 34.48
N THR B 247 12.81 15.06 35.21
CA THR B 247 13.56 14.22 36.13
C THR B 247 12.91 12.84 36.11
N SER B 248 13.41 11.93 36.95
CA SER B 248 12.86 10.57 37.00
C SER B 248 12.50 10.21 38.44
N LEU B 249 11.58 9.24 38.57
CA LEU B 249 11.17 8.72 39.88
C LEU B 249 11.02 7.21 39.74
N ALA B 250 11.86 6.47 40.47
CA ALA B 250 11.90 5.01 40.37
C ALA B 250 12.21 4.60 38.92
N ASP B 251 13.18 5.29 38.31
CA ASP B 251 13.62 5.07 36.95
C ASP B 251 12.49 5.21 35.93
N ALA B 252 11.44 5.98 36.28
CA ALA B 252 10.35 6.32 35.36
C ALA B 252 10.40 7.81 35.04
N PRO B 253 10.33 8.21 33.77
CA PRO B 253 10.48 9.63 33.44
C PRO B 253 9.31 10.44 34.01
N LEU B 254 9.56 11.74 34.21
CA LEU B 254 8.62 12.60 34.93
C LEU B 254 8.89 14.05 34.54
N LYS B 255 7.95 14.69 33.85
CA LYS B 255 8.14 16.07 33.40
C LYS B 255 7.60 17.07 34.41
N VAL B 256 8.34 18.15 34.62
CA VAL B 256 7.98 19.17 35.60
C VAL B 256 7.45 20.37 34.82
N LEU B 257 6.16 20.67 34.97
CA LEU B 257 5.49 21.74 34.23
C LEU B 257 5.16 22.95 35.09
N GLY B 258 5.44 22.89 36.39
CA GLY B 258 5.16 24.00 37.26
C GLY B 258 5.78 23.80 38.63
N ALA B 259 6.42 24.83 39.14
CA ALA B 259 6.99 24.68 40.47
C ALA B 259 7.13 26.06 41.10
N SER B 260 7.08 26.07 42.43
CA SER B 260 7.33 27.28 43.19
C SER B 260 8.19 26.90 44.38
N LEU B 261 8.85 27.90 44.94
CA LEU B 261 9.83 27.73 46.01
C LEU B 261 9.20 27.27 47.31
N GLY B 262 9.90 26.37 48.01
CA GLY B 262 9.44 25.88 49.29
C GLY B 262 10.49 26.04 50.38
N GLN B 263 10.13 25.58 51.59
CA GLN B 263 10.98 25.66 52.77
C GLN B 263 11.24 24.24 53.24
N GLY B 264 12.53 23.92 53.45
CA GLY B 264 12.95 22.60 53.85
C GLY B 264 14.44 22.42 53.64
N SER B 265 14.96 21.32 54.19
CA SER B 265 16.36 20.98 54.05
C SER B 265 16.49 19.46 53.97
N GLY B 266 17.40 18.98 53.12
CA GLY B 266 17.61 17.55 53.02
C GLY B 266 18.57 17.21 51.89
N ALA B 267 18.87 15.91 51.79
CA ALA B 267 19.74 15.45 50.73
C ALA B 267 19.07 15.72 49.38
N PRO B 268 19.80 16.27 48.42
CA PRO B 268 19.17 16.72 47.17
C PRO B 268 18.39 15.63 46.46
N GLY B 269 17.15 15.95 46.07
CA GLY B 269 16.29 15.01 45.40
C GLY B 269 15.36 14.23 46.30
N THR B 270 15.52 14.34 47.61
CA THR B 270 14.68 13.61 48.54
C THR B 270 13.31 14.26 48.60
N ILE B 271 12.25 13.45 48.54
CA ILE B 271 10.89 13.91 48.79
C ILE B 271 10.76 14.20 50.28
N LEU B 272 10.58 15.48 50.63
CA LEU B 272 10.41 15.88 52.03
C LEU B 272 8.97 15.75 52.49
N GLU B 273 8.01 16.03 51.60
CA GLU B 273 6.63 16.11 52.02
C GLU B 273 5.78 15.98 50.76
N ALA B 274 4.57 15.43 50.92
CA ALA B 274 3.65 15.32 49.80
C ALA B 274 2.24 15.61 50.28
N SER B 275 1.60 16.62 49.68
CA SER B 275 0.23 16.96 50.05
C SER B 275 -0.47 17.46 48.81
N ARG B 276 -1.73 17.88 49.01
CA ARG B 276 -2.47 18.54 47.95
C ARG B 276 -1.73 19.76 47.41
N ASP B 277 -0.91 20.43 48.26
CA ASP B 277 -0.22 21.65 47.85
C ASP B 277 0.96 21.37 46.90
N GLY B 278 1.44 20.13 46.83
CA GLY B 278 2.54 19.81 45.94
C GLY B 278 3.52 18.80 46.49
N LEU B 279 4.57 18.55 45.73
CA LEU B 279 5.63 17.60 46.08
C LEU B 279 6.88 18.40 46.44
N LEU B 280 7.21 18.42 47.72
CA LEU B 280 8.34 19.16 48.25
C LEU B 280 9.60 18.32 48.12
N VAL B 281 10.59 18.85 47.41
CA VAL B 281 11.84 18.14 47.14
C VAL B 281 13.01 18.95 47.69
N ALA B 282 13.89 18.28 48.43
CA ALA B 282 15.09 18.92 48.91
C ALA B 282 16.02 19.24 47.75
N CYS B 283 16.78 20.33 47.90
CA CYS B 283 17.73 20.76 46.88
C CYS B 283 19.13 20.98 47.45
N GLY B 284 20.01 21.59 46.67
CA GLY B 284 21.32 21.96 47.19
C GLY B 284 21.22 23.03 48.26
N GLU B 285 20.31 23.98 48.07
CA GLU B 285 19.90 24.97 49.05
C GLU B 285 18.38 25.03 48.98
N GLY B 286 17.72 24.99 50.14
CA GLY B 286 16.28 25.11 50.14
C GLY B 286 15.53 23.92 49.55
N ALA B 287 14.25 24.14 49.25
CA ALA B 287 13.42 23.08 48.71
C ALA B 287 12.54 23.64 47.61
N LEU B 288 12.06 22.75 46.74
CA LEU B 288 11.27 23.10 45.56
C LEU B 288 9.99 22.29 45.58
N ARG B 289 8.86 22.99 45.47
CA ARG B 289 7.55 22.36 45.49
C ARG B 289 7.08 22.22 44.04
N LEU B 290 6.98 20.97 43.58
CA LEU B 290 6.47 20.71 42.24
C LEU B 290 4.94 20.76 42.28
N THR B 291 4.33 21.60 41.43
CA THR B 291 2.89 21.78 41.50
C THR B 291 2.13 21.26 40.28
N ARG B 292 2.82 21.00 39.17
CA ARG B 292 2.22 20.46 37.95
C ARG B 292 3.22 19.50 37.33
N LEU B 293 2.78 18.27 37.04
CA LEU B 293 3.63 17.23 36.48
C LEU B 293 2.93 16.60 35.27
N GLN B 294 3.69 15.84 34.49
CA GLN B 294 3.15 15.04 33.38
C GLN B 294 3.94 13.73 33.28
N LEU B 295 3.26 12.61 33.45
CA LEU B 295 3.84 11.28 33.37
C LEU B 295 3.84 10.78 31.92
N PRO B 296 4.64 9.76 31.60
CA PRO B 296 4.73 9.31 30.20
C PRO B 296 3.39 8.81 29.68
N GLY B 297 2.98 9.36 28.53
CA GLY B 297 1.69 9.01 27.96
C GLY B 297 0.50 9.39 28.80
N GLY B 298 0.59 10.53 29.48
CA GLY B 298 -0.50 11.03 30.29
C GLY B 298 -0.70 12.50 30.01
N LYS B 299 -1.68 13.10 30.69
CA LYS B 299 -1.97 14.51 30.50
C LYS B 299 -1.30 15.36 31.57
N PRO B 300 -1.05 16.63 31.30
CA PRO B 300 -0.54 17.52 32.35
C PRO B 300 -1.53 17.63 33.49
N LEU B 301 -1.03 17.44 34.72
CA LEU B 301 -1.87 17.38 35.90
C LEU B 301 -1.33 18.26 37.01
N ALA B 302 -2.24 18.88 37.77
CA ALA B 302 -1.87 19.47 39.05
C ALA B 302 -1.43 18.34 39.97
N PHE B 303 -0.44 18.61 40.81
CA PHE B 303 0.02 17.52 41.66
C PHE B 303 -1.10 17.05 42.58
N ALA B 304 -2.00 17.94 42.94
CA ALA B 304 -3.12 17.58 43.79
C ALA B 304 -3.89 16.39 43.21
N ASP B 305 -4.13 16.38 41.89
CA ASP B 305 -4.82 15.25 41.30
C ASP B 305 -3.97 13.98 41.36
N LEU B 306 -2.65 14.11 41.35
CA LEU B 306 -1.78 12.94 41.43
C LEU B 306 -1.69 12.40 42.84
N TYR B 307 -1.73 13.28 43.82
CA TYR B 307 -1.68 12.86 45.22
C TYR B 307 -2.94 12.06 45.56
N ASN B 308 -4.07 12.48 45.02
CA ASN B 308 -5.36 11.84 45.20
C ASN B 308 -5.52 10.58 44.34
N SER B 309 -4.43 10.06 43.74
CA SER B 309 -4.56 8.86 42.90
C SER B 309 -3.34 7.93 42.90
N ARG B 310 -2.13 8.46 43.10
CA ARG B 310 -0.92 7.65 43.07
C ARG B 310 -0.07 7.87 44.31
N ARG B 311 -0.71 8.26 45.42
CA ARG B 311 -0.05 8.62 46.67
C ARG B 311 1.23 7.83 46.94
N GLU B 312 1.15 6.48 46.95
CA GLU B 312 2.30 5.68 47.36
C GLU B 312 3.43 5.69 46.33
N GLN B 313 3.14 6.03 45.08
CA GLN B 313 4.22 6.17 44.12
C GLN B 313 5.11 7.33 44.49
N PHE B 314 4.52 8.40 45.05
CA PHE B 314 5.24 9.61 45.47
C PHE B 314 5.37 9.71 46.99
N ALA B 315 5.72 8.60 47.66
CA ALA B 315 5.87 8.60 49.11
C ALA B 315 7.17 9.28 49.52
N ALA B 316 7.15 10.00 50.64
CA ALA B 316 8.34 10.74 51.08
C ALA B 316 9.49 9.82 51.45
N GLY B 317 10.72 10.32 51.25
CA GLY B 317 11.94 9.58 51.49
C GLY B 317 12.60 9.01 50.24
N GLN B 318 11.85 8.87 49.15
CA GLN B 318 12.41 8.51 47.87
C GLN B 318 13.23 9.67 47.32
N VAL B 319 14.10 9.37 46.36
CA VAL B 319 15.01 10.34 45.77
C VAL B 319 14.79 10.37 44.27
N LEU B 320 14.66 11.58 43.70
CA LEU B 320 14.53 11.76 42.26
C LEU B 320 15.91 11.89 41.61
N GLY B 321 16.13 11.21 40.49
CA GLY B 321 17.44 11.20 39.84
C GLY B 321 18.26 9.90 39.82
N GLN C 11 -33.50 -48.65 7.67
CA GLN C 11 -32.27 -48.32 8.40
C GLN C 11 -31.54 -47.13 7.75
N ALA C 12 -30.72 -46.43 8.54
CA ALA C 12 -30.02 -45.23 8.14
C ALA C 12 -28.61 -45.54 7.68
N LEU C 13 -28.08 -44.71 6.77
CA LEU C 13 -26.80 -45.00 6.14
C LEU C 13 -25.76 -43.92 6.42
N ARG C 14 -24.50 -44.35 6.39
CA ARG C 14 -23.36 -43.47 6.39
C ARG C 14 -23.03 -43.10 4.95
N ILE C 15 -23.15 -41.82 4.62
CA ILE C 15 -23.09 -41.35 3.24
C ILE C 15 -21.92 -40.39 3.06
N VAL C 16 -21.22 -40.56 1.96
CA VAL C 16 -20.28 -39.57 1.50
C VAL C 16 -20.97 -38.80 0.37
N PHE C 17 -20.87 -37.48 0.41
CA PHE C 17 -21.44 -36.65 -0.63
C PHE C 17 -20.31 -36.00 -1.43
N ALA C 18 -20.41 -36.08 -2.74
CA ALA C 18 -19.44 -35.43 -3.62
C ALA C 18 -20.21 -34.60 -4.63
N GLY C 19 -19.95 -33.29 -4.65
CA GLY C 19 -20.65 -32.36 -5.54
C GLY C 19 -20.10 -30.95 -5.41
N THR C 20 -20.49 -30.09 -6.38
CA THR C 20 -19.88 -28.76 -6.37
C THR C 20 -20.88 -27.59 -6.48
N PRO C 21 -21.64 -27.41 -7.57
CA PRO C 21 -22.40 -26.17 -7.74
C PRO C 21 -23.73 -26.17 -6.98
N GLU C 22 -24.49 -25.09 -7.20
CA GLU C 22 -25.74 -24.90 -6.48
C GLU C 22 -26.68 -26.09 -6.70
N PHE C 23 -26.67 -26.65 -7.91
CA PHE C 23 -27.51 -27.82 -8.18
C PHE C 23 -27.20 -28.94 -7.20
N ALA C 24 -25.91 -29.15 -6.91
CA ALA C 24 -25.55 -30.17 -5.92
C ALA C 24 -25.89 -29.71 -4.50
N ALA C 25 -25.72 -28.42 -4.20
CA ALA C 25 -25.96 -27.99 -2.82
C ALA C 25 -27.40 -28.25 -2.40
N GLU C 26 -28.34 -28.18 -3.35
CA GLU C 26 -29.72 -28.46 -3.01
C GLU C 26 -29.92 -29.93 -2.67
N HIS C 27 -29.10 -30.81 -3.27
CA HIS C 27 -29.17 -32.23 -2.95
C HIS C 27 -28.64 -32.51 -1.54
N LEU C 28 -27.50 -31.91 -1.20
CA LEU C 28 -26.98 -32.02 0.15
C LEU C 28 -27.92 -31.40 1.17
N LYS C 29 -28.51 -30.25 0.82
CA LYS C 29 -29.44 -29.59 1.75
C LYS C 29 -30.59 -30.54 2.10
N ALA C 30 -31.06 -31.31 1.12
CA ALA C 30 -32.13 -32.27 1.40
C ALA C 30 -31.61 -33.47 2.18
N LEU C 31 -30.38 -33.90 1.90
CA LEU C 31 -29.84 -35.02 2.65
C LEU C 31 -29.68 -34.72 4.13
N LEU C 32 -29.37 -33.47 4.49
CA LEU C 32 -29.16 -33.14 5.90
C LEU C 32 -30.43 -33.32 6.72
N ASP C 33 -31.61 -33.17 6.09
CA ASP C 33 -32.92 -33.38 6.70
C ASP C 33 -33.39 -34.82 6.63
N THR C 34 -32.48 -35.77 6.60
CA THR C 34 -32.89 -37.16 6.65
C THR C 34 -32.22 -37.82 7.85
N PRO C 35 -32.63 -39.03 8.23
CA PRO C 35 -31.95 -39.73 9.31
C PRO C 35 -30.56 -40.23 8.96
N HIS C 36 -30.05 -40.01 7.74
CA HIS C 36 -28.72 -40.48 7.38
C HIS C 36 -27.64 -39.55 7.94
N ARG C 37 -26.45 -40.10 8.15
CA ARG C 37 -25.30 -39.33 8.65
C ARG C 37 -24.37 -39.02 7.49
N ILE C 38 -24.21 -37.73 7.19
CA ILE C 38 -23.27 -37.32 6.15
C ILE C 38 -21.87 -37.34 6.77
N VAL C 39 -21.12 -38.41 6.55
CA VAL C 39 -19.84 -38.55 7.24
C VAL C 39 -18.74 -37.71 6.60
N ALA C 40 -18.91 -37.28 5.34
CA ALA C 40 -17.91 -36.44 4.66
C ALA C 40 -18.55 -35.82 3.43
N VAL C 41 -18.05 -34.65 3.05
CA VAL C 41 -18.50 -33.91 1.87
C VAL C 41 -17.29 -33.62 1.00
N TYR C 42 -17.25 -34.23 -0.18
CA TYR C 42 -16.22 -33.96 -1.17
C TYR C 42 -16.69 -32.87 -2.11
N THR C 43 -15.76 -32.02 -2.52
CA THR C 43 -16.07 -30.98 -3.49
C THR C 43 -14.81 -30.64 -4.26
N GLN C 44 -14.99 -29.79 -5.26
CA GLN C 44 -13.88 -29.40 -6.09
C GLN C 44 -12.94 -28.51 -5.30
N PRO C 45 -11.65 -28.58 -5.58
CA PRO C 45 -10.71 -27.66 -4.92
C PRO C 45 -11.09 -26.21 -5.22
N ASP C 46 -10.88 -25.33 -4.24
CA ASP C 46 -11.20 -23.93 -4.42
C ASP C 46 -10.49 -23.37 -5.65
N ARG C 47 -11.29 -22.71 -6.58
CA ARG C 47 -10.53 -22.21 -7.70
C ARG C 47 -10.22 -20.73 -7.55
N PRO C 48 -9.13 -20.28 -8.14
CA PRO C 48 -8.75 -18.87 -8.02
C PRO C 48 -9.73 -17.97 -8.74
N ALA C 49 -9.90 -16.78 -8.19
CA ALA C 49 -10.72 -15.74 -8.79
C ALA C 49 -10.04 -15.19 -10.04
N GLY C 50 -10.79 -14.33 -10.75
CA GLY C 50 -10.30 -13.70 -11.97
C GLY C 50 -9.17 -12.71 -11.77
N ARG C 51 -9.01 -12.17 -10.58
CA ARG C 51 -7.93 -11.23 -10.31
C ARG C 51 -7.45 -11.47 -8.88
N GLY C 52 -6.19 -11.11 -8.62
CA GLY C 52 -5.72 -11.24 -7.24
C GLY C 52 -5.44 -12.67 -6.83
N GLN C 53 -5.54 -12.94 -5.54
CA GLN C 53 -5.23 -14.26 -5.02
C GLN C 53 -6.37 -14.93 -4.28
N LYS C 54 -7.54 -14.32 -4.18
CA LYS C 54 -8.61 -14.96 -3.43
C LYS C 54 -8.93 -16.32 -4.05
N LEU C 55 -9.26 -17.28 -3.20
CA LEU C 55 -9.72 -18.60 -3.64
C LEU C 55 -11.20 -18.74 -3.29
N MET C 56 -12.02 -19.01 -4.30
CA MET C 56 -13.47 -18.99 -4.10
C MET C 56 -13.95 -20.38 -3.68
N PRO C 57 -14.77 -20.46 -2.63
CA PRO C 57 -15.30 -21.76 -2.22
C PRO C 57 -16.49 -22.16 -3.07
N SER C 58 -16.59 -23.45 -3.35
CA SER C 58 -17.74 -23.91 -4.11
C SER C 58 -19.02 -23.78 -3.28
N ALA C 59 -20.14 -23.83 -3.99
CA ALA C 59 -21.45 -23.71 -3.33
C ALA C 59 -21.64 -24.79 -2.27
N VAL C 60 -21.28 -26.04 -2.61
CA VAL C 60 -21.36 -27.16 -1.68
C VAL C 60 -20.41 -26.95 -0.50
N LYS C 61 -19.22 -26.40 -0.77
CA LYS C 61 -18.27 -26.14 0.33
C LYS C 61 -18.84 -25.16 1.34
N SER C 62 -19.47 -24.06 0.87
CA SER C 62 -20.06 -23.11 1.80
C SER C 62 -21.15 -23.77 2.64
N LEU C 63 -21.95 -24.65 2.03
CA LEU C 63 -23.02 -25.33 2.75
C LEU C 63 -22.46 -26.28 3.80
N ALA C 64 -21.40 -27.01 3.45
CA ALA C 64 -20.81 -27.93 4.40
C ALA C 64 -20.20 -27.18 5.60
N LEU C 65 -19.48 -26.08 5.34
CA LEU C 65 -18.96 -25.29 6.46
C LEU C 65 -20.09 -24.73 7.31
N GLU C 66 -21.14 -24.17 6.69
CA GLU C 66 -22.29 -23.66 7.44
C GLU C 66 -22.97 -24.73 8.28
N HIS C 67 -22.78 -26.01 7.94
CA HIS C 67 -23.28 -27.11 8.74
C HIS C 67 -22.16 -27.87 9.46
N GLY C 68 -20.94 -27.35 9.44
CA GLY C 68 -19.87 -27.95 10.23
C GLY C 68 -19.44 -29.33 9.84
N LEU C 69 -19.65 -29.73 8.60
CA LEU C 69 -19.32 -31.05 8.09
C LEU C 69 -17.86 -31.11 7.64
N PRO C 70 -17.23 -32.29 7.73
CA PRO C 70 -15.87 -32.41 7.19
C PRO C 70 -15.89 -32.22 5.68
N VAL C 71 -14.92 -31.45 5.18
CA VAL C 71 -14.84 -31.10 3.77
C VAL C 71 -13.55 -31.68 3.23
N MET C 72 -13.65 -32.47 2.17
CA MET C 72 -12.47 -33.09 1.56
C MET C 72 -12.31 -32.54 0.16
N GLN C 73 -11.11 -32.07 -0.19
CA GLN C 73 -10.88 -31.43 -1.50
C GLN C 73 -9.66 -31.97 -2.25
N PRO C 74 -9.60 -33.27 -2.53
CA PRO C 74 -8.50 -33.78 -3.35
C PRO C 74 -8.59 -33.31 -4.78
N GLN C 75 -7.42 -33.24 -5.44
CA GLN C 75 -7.34 -32.84 -6.84
C GLN C 75 -7.69 -33.97 -7.78
N SER C 76 -7.56 -35.21 -7.31
CA SER C 76 -7.87 -36.40 -8.08
C SER C 76 -8.13 -37.54 -7.11
N LEU C 77 -9.02 -38.45 -7.52
CA LEU C 77 -9.29 -39.66 -6.76
C LEU C 77 -8.55 -40.87 -7.33
N ARG C 78 -7.67 -40.69 -8.32
CA ARG C 78 -6.98 -41.78 -8.99
C ARG C 78 -5.63 -42.12 -8.38
N ASN C 79 -5.32 -41.58 -7.20
CA ASN C 79 -4.12 -41.93 -6.46
C ASN C 79 -4.49 -42.69 -5.19
N ALA C 80 -3.54 -43.51 -4.70
CA ALA C 80 -3.83 -44.43 -3.61
C ALA C 80 -4.09 -43.72 -2.28
N GLU C 81 -3.43 -42.58 -2.03
CA GLU C 81 -3.56 -41.93 -0.72
C GLU C 81 -5.00 -41.49 -0.45
N ALA C 82 -5.64 -40.82 -1.42
CA ALA C 82 -7.03 -40.39 -1.27
C ALA C 82 -8.02 -41.56 -1.25
N GLN C 83 -7.72 -42.65 -1.96
CA GLN C 83 -8.58 -43.83 -1.95
C GLN C 83 -8.63 -44.47 -0.56
N ALA C 84 -7.50 -44.53 0.14
CA ALA C 84 -7.47 -45.07 1.50
C ALA C 84 -8.27 -44.20 2.47
N GLU C 85 -8.16 -42.87 2.36
CA GLU C 85 -8.95 -41.97 3.21
C GLU C 85 -10.45 -42.20 2.99
N LEU C 86 -10.86 -42.43 1.74
CA LEU C 86 -12.28 -42.69 1.48
C LEU C 86 -12.72 -44.04 2.03
N ALA C 87 -11.91 -45.09 1.84
CA ALA C 87 -12.31 -46.38 2.41
C ALA C 87 -12.43 -46.30 3.93
N ALA C 88 -11.56 -45.50 4.55
CA ALA C 88 -11.49 -45.38 6.01
C ALA C 88 -12.73 -44.73 6.61
N LEU C 89 -13.56 -44.07 5.79
CA LEU C 89 -14.78 -43.45 6.26
C LEU C 89 -15.94 -44.42 6.48
N ARG C 90 -15.77 -45.69 6.11
CA ARG C 90 -16.82 -46.70 6.27
C ARG C 90 -18.14 -46.20 5.71
N ALA C 91 -18.13 -45.80 4.44
CA ALA C 91 -19.34 -45.28 3.86
C ALA C 91 -20.21 -46.41 3.33
N ASP C 92 -21.52 -46.28 3.55
CA ASP C 92 -22.46 -47.22 2.92
C ASP C 92 -22.77 -46.83 1.50
N LEU C 93 -22.69 -45.54 1.19
CA LEU C 93 -23.11 -45.04 -0.10
C LEU C 93 -22.40 -43.72 -0.38
N MET C 94 -22.07 -43.50 -1.64
CA MET C 94 -21.53 -42.21 -2.08
C MET C 94 -22.55 -41.60 -3.02
N VAL C 95 -23.03 -40.42 -2.67
CA VAL C 95 -24.00 -39.71 -3.49
C VAL C 95 -23.23 -38.64 -4.24
N VAL C 96 -23.26 -38.69 -5.57
CA VAL C 96 -22.43 -37.84 -6.41
C VAL C 96 -23.35 -37.01 -7.32
N VAL C 97 -23.27 -35.69 -7.22
CA VAL C 97 -24.13 -34.78 -7.97
C VAL C 97 -23.26 -33.66 -8.49
N ALA C 98 -23.03 -33.64 -9.81
CA ALA C 98 -22.23 -32.58 -10.42
C ALA C 98 -20.89 -32.40 -9.72
N TYR C 99 -20.15 -33.51 -9.55
CA TYR C 99 -18.78 -33.48 -9.03
C TYR C 99 -17.81 -33.39 -10.19
N GLY C 100 -16.83 -32.47 -10.09
CA GLY C 100 -15.94 -32.25 -11.21
C GLY C 100 -14.97 -33.38 -11.53
N LEU C 101 -14.73 -34.28 -10.60
CA LEU C 101 -13.66 -35.26 -10.73
C LEU C 101 -14.20 -36.60 -11.23
N ILE C 102 -13.35 -37.33 -11.94
CA ILE C 102 -13.72 -38.63 -12.47
C ILE C 102 -13.45 -39.68 -11.40
N LEU C 103 -14.47 -40.52 -11.14
CA LEU C 103 -14.39 -41.59 -10.14
C LEU C 103 -13.83 -42.86 -10.76
N PRO C 104 -12.64 -43.32 -10.37
CA PRO C 104 -12.11 -44.56 -10.94
C PRO C 104 -12.91 -45.75 -10.45
N GLN C 105 -12.64 -46.89 -11.10
CA GLN C 105 -13.29 -48.12 -10.68
C GLN C 105 -12.92 -48.46 -9.26
N ALA C 106 -11.68 -48.20 -8.88
CA ALA C 106 -11.24 -48.49 -7.51
C ALA C 106 -12.06 -47.71 -6.50
N VAL C 107 -12.55 -46.53 -6.88
CA VAL C 107 -13.34 -45.71 -5.96
C VAL C 107 -14.78 -46.18 -5.89
N LEU C 108 -15.35 -46.58 -7.03
CA LEU C 108 -16.71 -47.14 -7.02
C LEU C 108 -16.82 -48.38 -6.13
N ASP C 109 -15.75 -49.15 -6.02
CA ASP C 109 -15.81 -50.41 -5.27
C ASP C 109 -15.72 -50.22 -3.76
N ILE C 110 -15.39 -49.02 -3.28
CA ILE C 110 -15.10 -48.78 -1.87
C ILE C 110 -16.37 -48.79 -1.01
N PRO C 111 -17.38 -47.95 -1.28
CA PRO C 111 -18.58 -47.98 -0.44
C PRO C 111 -19.34 -49.29 -0.62
N ARG C 112 -20.02 -49.69 0.46
CA ARG C 112 -20.73 -50.96 0.49
C ARG C 112 -21.70 -51.09 -0.67
N LEU C 113 -22.47 -50.03 -0.95
CA LEU C 113 -23.47 -50.00 -2.01
C LEU C 113 -23.01 -49.21 -3.22
N GLY C 114 -21.72 -48.87 -3.30
CA GLY C 114 -21.21 -48.14 -4.43
C GLY C 114 -21.58 -46.66 -4.42
N CYS C 115 -21.64 -46.08 -5.62
CA CYS C 115 -21.82 -44.65 -5.81
C CYS C 115 -23.00 -44.42 -6.73
N ILE C 116 -23.88 -43.50 -6.34
CA ILE C 116 -25.04 -43.17 -7.16
C ILE C 116 -24.94 -41.71 -7.61
N ASN C 117 -25.51 -41.43 -8.78
CA ASN C 117 -25.41 -40.11 -9.39
C ASN C 117 -26.79 -39.53 -9.64
N SER C 118 -26.90 -38.22 -9.44
CA SER C 118 -28.10 -37.47 -9.80
C SER C 118 -27.78 -36.70 -11.08
N HIS C 119 -28.22 -37.23 -12.20
CA HIS C 119 -27.93 -36.68 -13.52
C HIS C 119 -29.14 -35.95 -14.05
N ALA C 120 -28.91 -34.76 -14.61
CA ALA C 120 -30.03 -33.86 -14.90
C ALA C 120 -30.62 -34.11 -16.29
N SER C 121 -31.04 -35.36 -16.52
CA SER C 121 -31.72 -35.70 -17.77
C SER C 121 -32.38 -37.06 -17.59
N LEU C 122 -33.24 -37.39 -18.54
CA LEU C 122 -33.86 -38.72 -18.56
C LEU C 122 -32.95 -39.61 -19.38
N LEU C 123 -32.04 -40.29 -18.68
CA LEU C 123 -31.13 -41.20 -19.36
C LEU C 123 -31.93 -42.31 -20.05
N PRO C 124 -31.40 -42.88 -21.14
CA PRO C 124 -30.06 -42.69 -21.70
C PRO C 124 -29.94 -41.46 -22.61
N ARG C 125 -30.92 -40.58 -22.61
CA ARG C 125 -30.84 -39.36 -23.40
C ARG C 125 -29.95 -38.32 -22.69
N TRP C 126 -29.03 -37.72 -23.45
CA TRP C 126 -28.18 -36.63 -22.94
C TRP C 126 -27.30 -37.07 -21.78
N ARG C 127 -26.62 -38.21 -21.94
CA ARG C 127 -25.44 -38.48 -21.13
C ARG C 127 -24.44 -37.35 -21.28
N GLY C 128 -23.81 -36.96 -20.18
CA GLY C 128 -22.62 -36.14 -20.28
C GLY C 128 -22.76 -34.79 -19.59
N ALA C 129 -22.10 -33.79 -20.18
CA ALA C 129 -21.68 -32.59 -19.48
C ALA C 129 -22.79 -31.54 -19.35
N ALA C 130 -23.59 -31.34 -20.41
CA ALA C 130 -24.51 -30.20 -20.47
C ALA C 130 -25.94 -30.63 -20.80
N PRO C 131 -26.54 -31.49 -19.97
CA PRO C 131 -27.87 -32.00 -20.34
C PRO C 131 -28.96 -30.94 -20.30
N ILE C 132 -28.84 -29.94 -19.43
CA ILE C 132 -29.90 -28.94 -19.32
C ILE C 132 -29.95 -28.08 -20.58
N GLN C 133 -28.80 -27.53 -20.99
CA GLN C 133 -28.78 -26.68 -22.17
C GLN C 133 -29.19 -27.45 -23.42
N ARG C 134 -28.61 -28.63 -23.64
CA ARG C 134 -28.86 -29.34 -24.91
C ARG C 134 -30.32 -29.71 -25.09
N ALA C 135 -30.99 -30.12 -24.00
CA ALA C 135 -32.40 -30.50 -24.11
C ALA C 135 -33.27 -29.32 -24.55
N VAL C 136 -33.06 -28.16 -23.94
CA VAL C 136 -33.78 -26.97 -24.36
C VAL C 136 -33.38 -26.60 -25.78
N GLU C 137 -32.09 -26.69 -26.10
CA GLU C 137 -31.61 -26.26 -27.40
C GLU C 137 -32.20 -27.12 -28.52
N ALA C 138 -32.45 -28.41 -28.25
CA ALA C 138 -32.97 -29.34 -29.25
C ALA C 138 -34.49 -29.31 -29.35
N GLY C 139 -35.16 -28.58 -28.47
CA GLY C 139 -36.61 -28.57 -28.49
C GLY C 139 -37.27 -29.77 -27.84
N ASP C 140 -36.59 -30.44 -26.90
CA ASP C 140 -37.20 -31.58 -26.23
C ASP C 140 -38.51 -31.17 -25.56
N ALA C 141 -39.46 -32.11 -25.51
CA ALA C 141 -40.75 -31.86 -24.88
C ALA C 141 -40.71 -32.07 -23.38
N GLU C 142 -39.78 -32.88 -22.89
CA GLU C 142 -39.63 -33.12 -21.47
C GLU C 142 -38.16 -33.40 -21.16
N SER C 143 -37.83 -33.26 -19.89
CA SER C 143 -36.56 -33.71 -19.35
C SER C 143 -36.82 -34.17 -17.91
N GLY C 144 -35.75 -34.36 -17.15
CA GLY C 144 -35.92 -34.79 -15.78
C GLY C 144 -34.59 -35.12 -15.15
N VAL C 145 -34.66 -35.94 -14.12
CA VAL C 145 -33.48 -36.35 -13.38
C VAL C 145 -33.50 -37.86 -13.35
N THR C 146 -32.32 -38.46 -13.53
CA THR C 146 -32.12 -39.89 -13.44
C THR C 146 -31.20 -40.12 -12.25
N VAL C 147 -31.67 -40.85 -11.26
CA VAL C 147 -30.80 -41.34 -10.20
C VAL C 147 -30.23 -42.65 -10.72
N MET C 148 -28.92 -42.69 -10.91
CA MET C 148 -28.26 -43.80 -11.57
C MET C 148 -27.14 -44.37 -10.71
N GLN C 149 -26.91 -45.68 -10.85
CA GLN C 149 -25.78 -46.38 -10.23
C GLN C 149 -24.55 -46.24 -11.13
N MET C 150 -23.50 -45.61 -10.63
CA MET C 150 -22.39 -45.20 -11.48
C MET C 150 -21.54 -46.39 -11.91
N GLU C 151 -21.21 -46.44 -13.19
CA GLU C 151 -20.32 -47.44 -13.77
C GLU C 151 -19.03 -46.80 -14.28
N ALA C 152 -18.18 -47.62 -14.89
CA ALA C 152 -16.91 -47.15 -15.43
C ALA C 152 -17.13 -46.18 -16.58
N GLY C 153 -18.07 -46.48 -17.46
CA GLY C 153 -18.34 -45.61 -18.59
C GLY C 153 -18.85 -44.23 -18.17
N LEU C 154 -19.02 -43.38 -19.18
CA LEU C 154 -19.55 -42.03 -18.97
C LEU C 154 -21.08 -42.09 -18.93
N ASP C 155 -21.65 -41.91 -17.74
CA ASP C 155 -23.10 -41.88 -17.53
C ASP C 155 -23.80 -43.09 -18.15
N THR C 156 -23.17 -44.26 -18.09
CA THR C 156 -23.70 -45.45 -18.73
C THR C 156 -24.40 -46.40 -17.77
N GLY C 157 -24.32 -46.15 -16.46
CA GLY C 157 -24.71 -47.11 -15.44
C GLY C 157 -26.21 -47.33 -15.32
N PRO C 158 -26.61 -48.35 -14.55
CA PRO C 158 -28.03 -48.73 -14.44
C PRO C 158 -28.89 -47.64 -13.83
N MET C 159 -30.11 -47.53 -14.33
CA MET C 159 -31.02 -46.46 -13.93
C MET C 159 -31.94 -46.92 -12.80
N LEU C 160 -31.87 -46.25 -11.66
CA LEU C 160 -32.65 -46.60 -10.48
C LEU C 160 -34.00 -45.90 -10.41
N LEU C 161 -34.04 -44.61 -10.70
CA LEU C 161 -35.27 -43.87 -10.52
C LEU C 161 -35.23 -42.63 -11.41
N LYS C 162 -36.39 -42.33 -11.99
CA LYS C 162 -36.54 -41.20 -12.88
C LYS C 162 -37.67 -40.32 -12.38
N VAL C 163 -37.50 -39.01 -12.56
CA VAL C 163 -38.58 -38.05 -12.35
C VAL C 163 -38.50 -37.04 -13.47
N SER C 164 -39.63 -36.78 -14.11
CA SER C 164 -39.66 -35.93 -15.30
C SER C 164 -40.43 -34.65 -15.03
N THR C 165 -40.20 -33.69 -15.91
CA THR C 165 -40.86 -32.40 -15.92
C THR C 165 -40.97 -31.99 -17.38
N PRO C 166 -42.07 -31.34 -17.78
CA PRO C 166 -42.17 -30.91 -19.17
C PRO C 166 -41.32 -29.67 -19.39
N ILE C 167 -40.96 -29.46 -20.65
CA ILE C 167 -40.30 -28.23 -21.08
C ILE C 167 -41.34 -27.43 -21.86
N SER C 168 -41.78 -26.31 -21.29
CA SER C 168 -42.80 -25.47 -21.91
C SER C 168 -42.15 -24.51 -22.92
N ALA C 169 -43.00 -23.78 -23.66
CA ALA C 169 -42.48 -22.92 -24.72
C ALA C 169 -41.63 -21.75 -24.21
N ALA C 170 -41.82 -21.32 -22.97
CA ALA C 170 -41.09 -20.19 -22.41
C ALA C 170 -39.89 -20.62 -21.59
N ASP C 171 -39.68 -21.93 -21.42
CA ASP C 171 -38.64 -22.37 -20.52
C ASP C 171 -37.27 -21.95 -21.02
N THR C 172 -36.42 -21.52 -20.09
CA THR C 172 -35.03 -21.26 -20.38
C THR C 172 -34.19 -22.32 -19.68
N GLY C 173 -32.89 -22.27 -19.96
CA GLY C 173 -31.96 -23.15 -19.26
C GLY C 173 -32.03 -22.98 -17.77
N GLY C 174 -32.22 -21.73 -17.31
CA GLY C 174 -32.24 -21.48 -15.89
C GLY C 174 -33.50 -21.94 -15.20
N SER C 175 -34.65 -21.70 -15.84
CA SER C 175 -35.89 -22.13 -15.21
C SER C 175 -35.98 -23.64 -15.16
N LEU C 176 -35.46 -24.33 -16.19
CA LEU C 176 -35.41 -25.78 -16.16
C LEU C 176 -34.41 -26.27 -15.12
N HIS C 177 -33.28 -25.59 -15.01
CA HIS C 177 -32.32 -25.92 -13.97
C HIS C 177 -32.97 -25.85 -12.59
N ASP C 178 -33.69 -24.75 -12.29
CA ASP C 178 -34.24 -24.57 -10.96
C ASP C 178 -35.27 -25.64 -10.62
N ARG C 179 -36.05 -26.08 -11.62
CA ARG C 179 -37.05 -27.11 -11.37
C ARG C 179 -36.39 -28.47 -11.13
N LEU C 180 -35.37 -28.79 -11.93
CA LEU C 180 -34.67 -30.05 -11.73
C LEU C 180 -33.91 -30.08 -10.42
N ALA C 181 -33.49 -28.91 -9.94
CA ALA C 181 -32.84 -28.80 -8.63
C ALA C 181 -33.81 -29.03 -7.49
N ALA C 182 -35.12 -28.98 -7.76
CA ALA C 182 -36.11 -29.33 -6.76
C ALA C 182 -36.52 -30.80 -6.87
N LEU C 183 -36.60 -31.33 -8.10
CA LEU C 183 -37.03 -32.71 -8.26
C LEU C 183 -35.93 -33.68 -7.83
N GLY C 184 -34.71 -33.43 -8.27
CA GLY C 184 -33.60 -34.33 -8.03
C GLY C 184 -33.36 -34.72 -6.58
N PRO C 185 -33.21 -33.73 -5.68
CA PRO C 185 -32.98 -34.09 -4.27
C PRO C 185 -34.04 -35.00 -3.69
N LYS C 186 -35.33 -34.74 -3.97
CA LYS C 186 -36.38 -35.63 -3.48
C LYS C 186 -36.24 -37.03 -4.07
N ALA C 187 -35.90 -37.10 -5.36
CA ALA C 187 -35.72 -38.39 -6.01
C ALA C 187 -34.53 -39.14 -5.41
N VAL C 188 -33.44 -38.44 -5.11
CA VAL C 188 -32.28 -39.13 -4.52
C VAL C 188 -32.63 -39.66 -3.13
N ILE C 189 -33.36 -38.88 -2.32
CA ILE C 189 -33.79 -39.34 -1.01
C ILE C 189 -34.61 -40.61 -1.15
N GLU C 190 -35.50 -40.65 -2.14
CA GLU C 190 -36.36 -41.82 -2.34
C GLU C 190 -35.55 -43.04 -2.78
N ALA C 191 -34.59 -42.87 -3.70
CA ALA C 191 -33.80 -43.99 -4.17
C ALA C 191 -32.91 -44.54 -3.08
N ILE C 192 -32.36 -43.65 -2.24
CA ILE C 192 -31.57 -44.12 -1.10
C ILE C 192 -32.42 -45.01 -0.22
N ALA C 193 -33.69 -44.64 -0.05
CA ALA C 193 -34.58 -45.43 0.79
C ALA C 193 -34.75 -46.84 0.22
N GLY C 194 -34.95 -46.93 -1.10
CA GLY C 194 -35.05 -48.24 -1.73
C GLY C 194 -33.75 -49.02 -1.71
N LEU C 195 -32.61 -48.35 -1.89
CA LEU C 195 -31.34 -49.05 -1.88
C LEU C 195 -31.06 -49.64 -0.51
N ALA C 196 -31.30 -48.88 0.56
CA ALA C 196 -31.05 -49.32 1.93
C ALA C 196 -32.00 -50.43 2.36
N ALA C 197 -33.21 -50.44 1.82
CA ALA C 197 -34.14 -51.52 2.07
C ALA C 197 -33.84 -52.73 1.21
N GLY C 198 -32.91 -52.63 0.26
CA GLY C 198 -32.66 -53.71 -0.66
C GLY C 198 -33.77 -53.96 -1.63
N THR C 199 -34.69 -53.01 -1.81
CA THR C 199 -35.90 -53.19 -2.59
C THR C 199 -35.83 -52.54 -3.97
N LEU C 200 -34.73 -51.87 -4.30
CA LEU C 200 -34.62 -51.13 -5.53
C LEU C 200 -33.63 -51.82 -6.46
N HIS C 201 -33.97 -51.90 -7.75
CA HIS C 201 -33.12 -52.56 -8.73
C HIS C 201 -32.94 -51.66 -9.95
N GLY C 202 -31.75 -51.67 -10.51
CA GLY C 202 -31.49 -50.81 -11.65
C GLY C 202 -31.95 -51.45 -12.94
N GLU C 203 -32.48 -50.62 -13.82
CA GLU C 203 -32.82 -50.98 -15.19
C GLU C 203 -31.62 -50.59 -16.07
N ILE C 204 -31.14 -51.55 -16.87
CA ILE C 204 -29.98 -51.33 -17.73
C ILE C 204 -30.32 -50.46 -18.93
N GLN C 205 -29.41 -49.54 -19.27
CA GLN C 205 -29.63 -48.58 -20.36
C GLN C 205 -29.51 -49.26 -21.72
N ASP C 206 -30.40 -48.89 -22.63
CA ASP C 206 -30.33 -49.32 -24.02
C ASP C 206 -29.56 -48.28 -24.80
N ASP C 207 -28.38 -48.66 -25.33
CA ASP C 207 -27.59 -47.70 -26.12
C ASP C 207 -28.36 -47.16 -27.33
N ALA C 208 -29.36 -47.88 -27.82
CA ALA C 208 -30.10 -47.43 -28.98
C ALA C 208 -30.78 -46.09 -28.73
N LEU C 209 -31.04 -45.77 -27.46
CA LEU C 209 -31.72 -44.53 -27.10
C LEU C 209 -30.76 -43.44 -26.64
N ALA C 210 -29.46 -43.71 -26.63
CA ALA C 210 -28.49 -42.80 -26.01
C ALA C 210 -28.11 -41.66 -26.96
N THR C 211 -28.09 -40.43 -26.41
CA THR C 211 -27.55 -39.25 -27.05
C THR C 211 -26.62 -38.56 -26.05
N TYR C 212 -25.73 -37.71 -26.57
CA TYR C 212 -24.70 -37.10 -25.75
C TYR C 212 -24.81 -35.59 -25.76
N ALA C 213 -24.80 -34.99 -24.56
CA ALA C 213 -24.97 -33.55 -24.39
C ALA C 213 -23.60 -32.92 -24.15
N HIS C 214 -22.88 -32.68 -25.24
CA HIS C 214 -21.51 -32.25 -25.14
C HIS C 214 -21.41 -30.88 -24.49
N LYS C 215 -20.32 -30.65 -23.76
CA LYS C 215 -20.09 -29.36 -23.12
C LYS C 215 -20.07 -28.26 -24.17
N LEU C 216 -20.55 -27.07 -23.77
CA LEU C 216 -20.53 -25.91 -24.64
C LEU C 216 -19.09 -25.48 -24.93
N ASN C 217 -18.84 -25.08 -26.17
CA ASN C 217 -17.53 -24.67 -26.64
C ASN C 217 -17.46 -23.14 -26.77
N LYS C 218 -16.29 -22.64 -27.20
CA LYS C 218 -16.02 -21.20 -27.14
C LYS C 218 -16.96 -20.41 -28.03
N ASP C 219 -17.13 -20.83 -29.28
CA ASP C 219 -17.77 -19.98 -30.26
C ASP C 219 -19.27 -20.21 -30.35
N GLU C 220 -19.80 -21.15 -29.60
CA GLU C 220 -21.15 -21.64 -29.86
C GLU C 220 -22.21 -20.61 -29.51
N ALA C 221 -21.97 -19.80 -28.48
CA ALA C 221 -22.94 -18.80 -28.06
C ALA C 221 -22.97 -17.56 -28.96
N ARG C 222 -22.04 -17.41 -29.90
CA ARG C 222 -22.14 -16.34 -30.87
C ARG C 222 -23.14 -16.76 -31.92
N LEU C 223 -24.13 -15.92 -32.15
CA LEU C 223 -25.28 -16.27 -32.96
C LEU C 223 -24.88 -16.40 -34.43
N ASP C 224 -25.23 -17.55 -35.01
CA ASP C 224 -25.05 -17.79 -36.44
C ASP C 224 -26.35 -17.44 -37.15
N TRP C 225 -26.42 -16.25 -37.73
CA TRP C 225 -27.69 -15.84 -38.31
C TRP C 225 -28.04 -16.58 -39.60
N SER C 226 -27.15 -17.42 -40.13
CA SER C 226 -27.51 -18.21 -41.29
C SER C 226 -28.39 -19.40 -40.96
N ARG C 227 -28.52 -19.74 -39.68
CA ARG C 227 -29.30 -20.86 -39.22
C ARG C 227 -30.80 -20.55 -39.34
N PRO C 228 -31.65 -21.59 -39.28
CA PRO C 228 -33.10 -21.35 -39.26
C PRO C 228 -33.53 -20.63 -38.00
N ALA C 229 -34.54 -19.76 -38.14
CA ALA C 229 -35.00 -18.98 -37.00
C ALA C 229 -35.46 -19.86 -35.85
N VAL C 230 -36.07 -21.02 -36.15
CA VAL C 230 -36.53 -21.93 -35.11
C VAL C 230 -35.38 -22.33 -34.18
N GLU C 231 -34.25 -22.69 -34.77
CA GLU C 231 -33.11 -23.11 -33.95
C GLU C 231 -32.61 -21.99 -33.05
N LEU C 232 -32.46 -20.78 -33.62
CA LEU C 232 -31.93 -19.66 -32.83
C LEU C 232 -32.86 -19.28 -31.70
N GLU C 233 -34.18 -19.35 -31.94
CA GLU C 233 -35.16 -19.10 -30.89
C GLU C 233 -34.95 -20.06 -29.72
N ARG C 234 -34.68 -21.32 -30.03
CA ARG C 234 -34.43 -22.30 -28.98
C ARG C 234 -33.10 -22.01 -28.29
N GLN C 235 -32.09 -21.65 -29.07
CA GLN C 235 -30.77 -21.41 -28.52
C GLN C 235 -30.79 -20.24 -27.53
N VAL C 236 -31.52 -19.17 -27.89
CA VAL C 236 -31.60 -18.00 -27.01
C VAL C 236 -32.11 -18.41 -25.64
N ARG C 237 -33.17 -19.20 -25.63
CA ARG C 237 -33.73 -19.66 -24.35
C ARG C 237 -32.77 -20.62 -23.64
N ALA C 238 -32.14 -21.53 -24.40
CA ALA C 238 -31.26 -22.52 -23.78
C ALA C 238 -30.07 -21.85 -23.11
N PHE C 239 -29.55 -20.77 -23.69
CA PHE C 239 -28.37 -20.11 -23.13
C PHE C 239 -28.71 -18.98 -22.18
N THR C 240 -29.95 -18.94 -21.67
CA THR C 240 -30.41 -17.99 -20.66
C THR C 240 -30.52 -18.74 -19.34
N PRO C 241 -29.93 -18.24 -18.24
CA PRO C 241 -29.19 -16.99 -18.04
C PRO C 241 -27.71 -17.13 -18.29
N TRP C 242 -27.26 -18.33 -18.69
CA TRP C 242 -25.87 -18.56 -19.02
C TRP C 242 -25.74 -19.56 -20.16
N PRO C 243 -24.83 -19.33 -21.11
CA PRO C 243 -23.79 -18.28 -21.20
C PRO C 243 -24.23 -16.97 -21.87
N VAL C 244 -25.50 -16.88 -22.27
CA VAL C 244 -26.11 -15.74 -22.96
C VAL C 244 -25.64 -15.69 -24.42
N CYS C 245 -26.59 -15.67 -25.35
CA CYS C 245 -26.25 -15.51 -26.75
C CYS C 245 -25.79 -14.07 -27.02
N HIS C 246 -24.89 -13.94 -27.98
CA HIS C 246 -24.38 -12.61 -28.33
C HIS C 246 -24.17 -12.51 -29.83
N THR C 247 -24.19 -11.27 -30.31
CA THR C 247 -23.88 -10.97 -31.70
C THR C 247 -23.25 -9.59 -31.73
N SER C 248 -22.96 -9.07 -32.92
CA SER C 248 -22.38 -7.74 -33.00
C SER C 248 -23.24 -6.87 -33.89
N LEU C 249 -23.16 -5.56 -33.63
CA LEU C 249 -23.85 -4.54 -34.43
C LEU C 249 -22.92 -3.34 -34.56
N ALA C 250 -22.46 -3.09 -35.78
CA ALA C 250 -21.48 -2.03 -36.04
C ALA C 250 -20.24 -2.22 -35.17
N ASP C 251 -19.76 -3.47 -35.13
CA ASP C 251 -18.57 -3.83 -34.35
C ASP C 251 -18.75 -3.48 -32.87
N ALA C 252 -20.00 -3.46 -32.40
CA ALA C 252 -20.34 -3.27 -30.99
C ALA C 252 -21.00 -4.54 -30.45
N PRO C 253 -20.57 -5.03 -29.28
CA PRO C 253 -21.15 -6.25 -28.72
C PRO C 253 -22.62 -6.05 -28.37
N LEU C 254 -23.32 -7.16 -28.29
CA LEU C 254 -24.77 -7.14 -28.16
C LEU C 254 -25.21 -8.48 -27.61
N LYS C 255 -25.74 -8.51 -26.39
CA LYS C 255 -26.21 -9.74 -25.77
C LYS C 255 -27.71 -9.90 -25.99
N VAL C 256 -28.13 -11.11 -26.39
CA VAL C 256 -29.53 -11.41 -26.70
C VAL C 256 -30.11 -12.24 -25.57
N LEU C 257 -31.06 -11.65 -24.83
CA LEU C 257 -31.65 -12.24 -23.65
C LEU C 257 -33.13 -12.57 -23.82
N GLY C 258 -33.70 -12.25 -24.97
CA GLY C 258 -35.09 -12.58 -25.22
C GLY C 258 -35.47 -12.46 -26.68
N ALA C 259 -36.08 -13.51 -27.23
CA ALA C 259 -36.42 -13.49 -28.64
C ALA C 259 -37.64 -14.37 -28.88
N SER C 260 -38.35 -14.07 -29.95
CA SER C 260 -39.53 -14.82 -30.31
C SER C 260 -39.55 -14.97 -31.82
N LEU C 261 -40.24 -16.00 -32.27
CA LEU C 261 -40.30 -16.27 -33.70
C LEU C 261 -41.09 -15.17 -34.39
N GLY C 262 -40.57 -14.72 -35.55
CA GLY C 262 -41.21 -13.68 -36.34
C GLY C 262 -41.41 -14.11 -37.78
N GLN C 263 -41.94 -13.19 -38.58
CA GLN C 263 -42.20 -13.42 -39.99
C GLN C 263 -41.47 -12.39 -40.85
N GLY C 264 -40.72 -12.90 -41.82
CA GLY C 264 -39.94 -12.07 -42.73
C GLY C 264 -38.93 -12.91 -43.48
N SER C 265 -38.37 -12.30 -44.52
CA SER C 265 -37.34 -12.93 -45.33
C SER C 265 -36.30 -11.88 -45.69
N GLY C 266 -35.04 -12.30 -45.74
CA GLY C 266 -33.97 -11.38 -46.07
C GLY C 266 -32.62 -12.05 -45.90
N ALA C 267 -31.58 -11.31 -46.26
CA ALA C 267 -30.23 -11.82 -46.08
C ALA C 267 -29.95 -11.98 -44.59
N PRO C 268 -29.34 -13.09 -44.18
CA PRO C 268 -29.22 -13.42 -42.75
C PRO C 268 -28.55 -12.30 -41.97
N GLY C 269 -29.18 -11.93 -40.86
CA GLY C 269 -28.70 -10.88 -40.02
C GLY C 269 -29.29 -9.52 -40.32
N THR C 270 -30.06 -9.40 -41.39
CA THR C 270 -30.57 -8.08 -41.74
C THR C 270 -31.69 -7.65 -40.81
N ILE C 271 -31.57 -6.43 -40.30
CA ILE C 271 -32.66 -5.85 -39.53
C ILE C 271 -33.79 -5.57 -40.51
N LEU C 272 -34.87 -6.32 -40.38
CA LEU C 272 -36.00 -6.11 -41.28
C LEU C 272 -36.87 -4.97 -40.81
N GLU C 273 -37.02 -4.79 -39.50
CA GLU C 273 -37.97 -3.88 -38.90
C GLU C 273 -37.53 -3.57 -37.46
N ALA C 274 -37.89 -2.39 -36.99
CA ALA C 274 -37.62 -2.01 -35.60
C ALA C 274 -38.81 -1.23 -35.06
N SER C 275 -39.36 -1.70 -33.95
CA SER C 275 -40.50 -1.04 -33.33
C SER C 275 -40.45 -1.29 -31.83
N ARG C 276 -41.44 -0.74 -31.12
CA ARG C 276 -41.61 -1.07 -29.72
C ARG C 276 -41.77 -2.58 -29.52
N ASP C 277 -42.34 -3.27 -30.52
CA ASP C 277 -42.59 -4.70 -30.41
C ASP C 277 -41.31 -5.52 -30.49
N GLY C 278 -40.21 -4.93 -30.96
CA GLY C 278 -38.95 -5.66 -30.99
C GLY C 278 -38.09 -5.38 -32.20
N LEU C 279 -36.96 -6.09 -32.30
CA LEU C 279 -36.03 -5.96 -33.42
C LEU C 279 -36.10 -7.21 -34.31
N LEU C 280 -36.67 -7.05 -35.51
CA LEU C 280 -36.87 -8.17 -36.43
C LEU C 280 -35.59 -8.39 -37.23
N VAL C 281 -35.03 -9.59 -37.13
CA VAL C 281 -33.78 -9.95 -37.79
C VAL C 281 -34.04 -11.14 -38.73
N ALA C 282 -33.66 -10.98 -39.99
CA ALA C 282 -33.79 -12.05 -40.96
C ALA C 282 -32.84 -13.19 -40.61
N CYS C 283 -33.25 -14.42 -40.95
CA CYS C 283 -32.40 -15.57 -40.69
C CYS C 283 -32.18 -16.37 -41.97
N GLY C 284 -31.61 -17.56 -41.85
CA GLY C 284 -31.51 -18.44 -43.01
C GLY C 284 -32.89 -18.85 -43.49
N GLU C 285 -33.79 -19.11 -42.55
CA GLU C 285 -35.20 -19.32 -42.82
C GLU C 285 -35.98 -18.52 -41.78
N GLY C 286 -36.97 -17.74 -42.25
CA GLY C 286 -37.82 -16.97 -41.34
C GLY C 286 -37.09 -15.80 -40.68
N ALA C 287 -37.72 -15.28 -39.63
CA ALA C 287 -37.18 -14.14 -38.91
C ALA C 287 -37.35 -14.36 -37.41
N LEU C 288 -36.55 -13.61 -36.63
CA LEU C 288 -36.57 -13.69 -35.17
C LEU C 288 -36.73 -12.29 -34.61
N ARG C 289 -37.72 -12.07 -33.73
CA ARG C 289 -37.94 -10.76 -33.11
C ARG C 289 -37.25 -10.76 -31.74
N LEU C 290 -36.20 -9.94 -31.61
CA LEU C 290 -35.45 -9.81 -30.37
C LEU C 290 -36.19 -8.85 -29.47
N THR C 291 -36.51 -9.30 -28.25
CA THR C 291 -37.36 -8.55 -27.34
C THR C 291 -36.63 -8.04 -26.11
N ARG C 292 -35.44 -8.57 -25.83
CA ARG C 292 -34.67 -8.16 -24.66
C ARG C 292 -33.19 -8.23 -24.98
N LEU C 293 -32.48 -7.11 -24.80
CA LEU C 293 -31.06 -7.00 -25.15
C LEU C 293 -30.30 -6.39 -23.99
N GLN C 294 -28.98 -6.48 -24.10
CA GLN C 294 -28.07 -5.85 -23.15
C GLN C 294 -26.89 -5.29 -23.95
N LEU C 295 -26.71 -3.97 -23.89
CA LEU C 295 -25.61 -3.29 -24.55
C LEU C 295 -24.40 -3.30 -23.61
N PRO C 296 -23.18 -3.11 -24.12
CA PRO C 296 -22.00 -3.24 -23.25
C PRO C 296 -22.00 -2.22 -22.13
N GLY C 297 -21.80 -2.71 -20.90
CA GLY C 297 -21.82 -1.86 -19.72
C GLY C 297 -23.15 -1.18 -19.47
N GLY C 298 -24.25 -1.84 -19.81
CA GLY C 298 -25.57 -1.28 -19.63
C GLY C 298 -26.49 -2.30 -19.00
N LYS C 299 -27.71 -1.90 -18.84
CA LYS C 299 -28.59 -2.85 -18.18
C LYS C 299 -29.30 -3.73 -19.19
N PRO C 300 -29.73 -4.92 -18.78
CA PRO C 300 -30.64 -5.70 -19.64
C PRO C 300 -31.93 -4.93 -19.79
N LEU C 301 -32.40 -4.77 -21.03
CA LEU C 301 -33.52 -3.89 -21.31
C LEU C 301 -34.56 -4.56 -22.19
N ALA C 302 -35.83 -4.24 -21.93
CA ALA C 302 -36.83 -4.55 -22.92
C ALA C 302 -36.51 -3.73 -24.15
N PHE C 303 -36.63 -4.34 -25.33
CA PHE C 303 -36.19 -3.61 -26.52
C PHE C 303 -36.99 -2.33 -26.70
N ALA C 304 -38.23 -2.31 -26.23
CA ALA C 304 -39.02 -1.09 -26.34
C ALA C 304 -38.27 0.09 -25.73
N ASP C 305 -37.61 -0.11 -24.59
CA ASP C 305 -36.85 0.99 -24.00
C ASP C 305 -35.65 1.36 -24.84
N LEU C 306 -35.07 0.41 -25.56
CA LEU C 306 -33.90 0.72 -26.39
C LEU C 306 -34.27 1.48 -27.66
N TYR C 307 -35.44 1.17 -28.23
CA TYR C 307 -35.88 1.84 -29.44
C TYR C 307 -36.10 3.33 -29.20
N ASN C 308 -36.65 3.69 -28.04
CA ASN C 308 -36.90 5.09 -27.75
C ASN C 308 -35.64 5.87 -27.39
N SER C 309 -34.51 5.22 -27.20
CA SER C 309 -33.31 5.90 -26.73
C SER C 309 -32.14 5.81 -27.68
N ARG C 310 -32.09 4.78 -28.52
CA ARG C 310 -31.00 4.58 -29.46
C ARG C 310 -31.54 4.28 -30.85
N ARG C 311 -32.74 4.75 -31.16
CA ARG C 311 -33.44 4.43 -32.40
C ARG C 311 -32.51 4.26 -33.60
N GLU C 312 -31.65 5.24 -33.86
CA GLU C 312 -30.88 5.19 -35.10
C GLU C 312 -29.79 4.13 -35.08
N GLN C 313 -29.33 3.71 -33.90
CA GLN C 313 -28.32 2.65 -33.85
C GLN C 313 -28.90 1.34 -34.37
N PHE C 314 -30.21 1.11 -34.16
CA PHE C 314 -30.91 -0.08 -34.62
C PHE C 314 -31.82 0.22 -35.81
N ALA C 315 -31.31 0.95 -36.78
CA ALA C 315 -32.11 1.30 -37.95
C ALA C 315 -32.20 0.10 -38.88
N ALA C 316 -33.36 -0.09 -39.49
CA ALA C 316 -33.56 -1.23 -40.37
C ALA C 316 -32.61 -1.16 -41.55
N GLY C 317 -32.20 -2.34 -42.04
CA GLY C 317 -31.28 -2.47 -43.14
C GLY C 317 -29.86 -2.78 -42.73
N GLN C 318 -29.48 -2.50 -41.50
CA GLN C 318 -28.18 -2.90 -41.01
C GLN C 318 -28.11 -4.42 -40.88
N VAL C 319 -26.89 -4.92 -40.77
CA VAL C 319 -26.67 -6.37 -40.69
C VAL C 319 -25.85 -6.69 -39.44
N LEU C 320 -26.33 -7.65 -38.65
CA LEU C 320 -25.65 -8.08 -37.44
C LEU C 320 -24.69 -9.22 -37.77
N GLY C 321 -23.53 -9.23 -37.12
CA GLY C 321 -22.49 -10.23 -37.36
C GLY C 321 -21.19 -9.75 -37.99
N GLN D 11 17.04 -18.50 -31.89
CA GLN D 11 15.99 -19.32 -32.52
C GLN D 11 14.67 -19.09 -31.82
N ALA D 12 13.57 -19.14 -32.58
CA ALA D 12 12.23 -19.00 -32.03
C ALA D 12 11.60 -20.37 -31.84
N LEU D 13 10.78 -20.49 -30.80
CA LEU D 13 10.33 -21.78 -30.33
C LEU D 13 8.82 -21.90 -30.36
N ARG D 14 8.36 -23.13 -30.51
CA ARG D 14 6.96 -23.48 -30.32
C ARG D 14 6.72 -23.75 -28.83
N ILE D 15 5.85 -22.95 -28.19
CA ILE D 15 5.68 -22.99 -26.73
C ILE D 15 4.24 -23.33 -26.37
N VAL D 16 4.10 -24.22 -25.37
CA VAL D 16 2.83 -24.48 -24.68
C VAL D 16 2.88 -23.79 -23.33
N PHE D 17 1.82 -23.06 -22.98
CA PHE D 17 1.73 -22.39 -21.70
C PHE D 17 0.64 -23.01 -20.82
N ALA D 18 0.97 -23.24 -19.56
CA ALA D 18 0.03 -23.80 -18.58
C ALA D 18 0.01 -22.92 -17.34
N GLY D 19 -1.16 -22.45 -16.97
CA GLY D 19 -1.28 -21.65 -15.76
C GLY D 19 -2.73 -21.28 -15.56
N THR D 20 -3.03 -20.82 -14.35
CA THR D 20 -4.43 -20.51 -14.11
C THR D 20 -4.67 -19.06 -13.69
N PRO D 21 -4.13 -18.57 -12.55
CA PRO D 21 -4.57 -17.26 -12.01
C PRO D 21 -3.84 -16.04 -12.56
N GLU D 22 -4.17 -14.85 -12.01
CA GLU D 22 -3.62 -13.59 -12.52
C GLU D 22 -2.11 -13.61 -12.56
N PHE D 23 -1.49 -14.20 -11.53
CA PHE D 23 -0.04 -14.27 -11.48
C PHE D 23 0.51 -14.95 -12.73
N ALA D 24 -0.14 -16.04 -13.17
CA ALA D 24 0.29 -16.72 -14.39
C ALA D 24 -0.09 -15.93 -15.63
N ALA D 25 -1.25 -15.27 -15.60
CA ALA D 25 -1.69 -14.56 -16.81
C ALA D 25 -0.71 -13.44 -17.19
N GLU D 26 -0.05 -12.83 -16.21
CA GLU D 26 0.96 -11.83 -16.53
C GLU D 26 2.16 -12.44 -17.24
N HIS D 27 2.45 -13.72 -16.97
CA HIS D 27 3.54 -14.39 -17.67
C HIS D 27 3.18 -14.65 -19.13
N LEU D 28 1.97 -15.14 -19.39
CA LEU D 28 1.55 -15.33 -20.78
C LEU D 28 1.48 -14.02 -21.53
N LYS D 29 1.01 -12.96 -20.86
CA LYS D 29 0.94 -11.65 -21.51
C LYS D 29 2.30 -11.21 -22.05
N ALA D 30 3.37 -11.44 -21.29
CA ALA D 30 4.68 -11.03 -21.76
C ALA D 30 5.17 -11.90 -22.90
N LEU D 31 4.82 -13.19 -22.90
CA LEU D 31 5.20 -14.09 -23.97
C LEU D 31 4.59 -13.68 -25.31
N LEU D 32 3.44 -13.02 -25.29
CA LEU D 32 2.81 -12.63 -26.54
C LEU D 32 3.69 -11.65 -27.31
N ASP D 33 4.48 -10.85 -26.60
CA ASP D 33 5.34 -9.85 -27.23
C ASP D 33 6.71 -10.39 -27.55
N THR D 34 6.82 -11.69 -27.75
CA THR D 34 8.10 -12.27 -28.09
C THR D 34 7.94 -12.94 -29.46
N PRO D 35 9.05 -13.32 -30.11
CA PRO D 35 8.94 -14.03 -31.40
C PRO D 35 8.47 -15.46 -31.29
N HIS D 36 8.24 -15.98 -30.10
CA HIS D 36 7.83 -17.37 -30.02
C HIS D 36 6.36 -17.53 -30.37
N ARG D 37 6.02 -18.74 -30.79
CA ARG D 37 4.66 -19.09 -31.16
C ARG D 37 4.06 -19.82 -29.97
N ILE D 38 3.05 -19.23 -29.35
CA ILE D 38 2.35 -19.91 -28.27
C ILE D 38 1.31 -20.80 -28.92
N VAL D 39 1.65 -22.09 -29.09
CA VAL D 39 0.85 -23.03 -29.85
C VAL D 39 -0.33 -23.59 -29.08
N ALA D 40 -0.33 -23.51 -27.75
CA ALA D 40 -1.44 -24.00 -26.96
C ALA D 40 -1.34 -23.43 -25.54
N VAL D 41 -2.52 -23.22 -24.94
CA VAL D 41 -2.63 -22.68 -23.59
C VAL D 41 -3.40 -23.69 -22.75
N TYR D 42 -2.71 -24.32 -21.80
CA TYR D 42 -3.34 -25.21 -20.83
C TYR D 42 -3.72 -24.44 -19.58
N THR D 43 -4.86 -24.80 -19.01
CA THR D 43 -5.29 -24.16 -17.76
C THR D 43 -6.25 -25.12 -17.05
N GLN D 44 -6.73 -24.70 -15.88
CA GLN D 44 -7.66 -25.51 -15.11
C GLN D 44 -9.04 -25.48 -15.74
N PRO D 45 -9.82 -26.56 -15.58
CA PRO D 45 -11.19 -26.52 -16.05
C PRO D 45 -11.95 -25.41 -15.34
N ASP D 46 -12.91 -24.81 -16.06
CA ASP D 46 -13.71 -23.72 -15.51
C ASP D 46 -14.40 -24.13 -14.20
N ARG D 47 -14.29 -23.22 -13.12
CA ARG D 47 -14.97 -23.59 -11.89
C ARG D 47 -16.40 -23.08 -11.92
N PRO D 48 -17.34 -23.77 -11.30
CA PRO D 48 -18.71 -23.25 -11.22
C PRO D 48 -18.78 -22.10 -10.22
N ALA D 49 -19.66 -21.13 -10.52
CA ALA D 49 -19.85 -20.01 -9.62
C ALA D 49 -20.53 -20.48 -8.34
N GLY D 50 -20.59 -19.57 -7.37
CA GLY D 50 -21.21 -19.90 -6.10
C GLY D 50 -22.71 -20.11 -6.18
N ARG D 51 -23.35 -19.55 -7.20
CA ARG D 51 -24.78 -19.65 -7.39
C ARG D 51 -25.06 -19.82 -8.88
N GLY D 52 -26.21 -20.40 -9.20
CA GLY D 52 -26.59 -20.48 -10.60
C GLY D 52 -25.77 -21.46 -11.42
N GLN D 53 -25.65 -21.18 -12.71
CA GLN D 53 -24.97 -22.10 -13.59
C GLN D 53 -23.73 -21.54 -14.26
N LYS D 54 -23.35 -20.29 -14.01
CA LYS D 54 -22.23 -19.74 -14.76
C LYS D 54 -20.97 -20.56 -14.51
N LEU D 55 -20.16 -20.68 -15.55
CA LEU D 55 -18.84 -21.30 -15.46
C LEU D 55 -17.81 -20.19 -15.66
N MET D 56 -16.90 -20.06 -14.69
CA MET D 56 -15.96 -18.94 -14.62
C MET D 56 -14.65 -19.29 -15.33
N PRO D 57 -14.17 -18.46 -16.26
CA PRO D 57 -12.89 -18.72 -16.90
C PRO D 57 -11.75 -18.20 -16.05
N SER D 58 -10.65 -18.97 -16.04
CA SER D 58 -9.48 -18.55 -15.30
C SER D 58 -8.88 -17.33 -15.96
N ALA D 59 -8.02 -16.62 -15.21
CA ALA D 59 -7.39 -15.42 -15.77
C ALA D 59 -6.61 -15.78 -17.03
N VAL D 60 -5.85 -16.87 -16.99
CA VAL D 60 -5.12 -17.30 -18.17
C VAL D 60 -6.08 -17.60 -19.30
N LYS D 61 -7.23 -18.19 -18.97
CA LYS D 61 -8.19 -18.52 -20.03
C LYS D 61 -8.74 -17.26 -20.69
N SER D 62 -9.11 -16.24 -19.92
CA SER D 62 -9.65 -15.03 -20.53
C SER D 62 -8.63 -14.40 -21.47
N LEU D 63 -7.37 -14.40 -21.09
CA LEU D 63 -6.34 -13.80 -21.92
C LEU D 63 -6.12 -14.60 -23.21
N ALA D 64 -6.11 -15.94 -23.10
CA ALA D 64 -5.85 -16.78 -24.26
C ALA D 64 -6.96 -16.68 -25.29
N LEU D 65 -8.22 -16.71 -24.85
CA LEU D 65 -9.35 -16.57 -25.77
C LEU D 65 -9.31 -15.24 -26.50
N GLU D 66 -9.08 -14.16 -25.75
CA GLU D 66 -9.03 -12.82 -26.28
C GLU D 66 -7.95 -12.66 -27.35
N HIS D 67 -6.92 -13.51 -27.31
CA HIS D 67 -5.86 -13.51 -28.32
C HIS D 67 -5.99 -14.67 -29.30
N GLY D 68 -7.12 -15.38 -29.28
CA GLY D 68 -7.41 -16.45 -30.21
C GLY D 68 -6.54 -17.68 -30.09
N LEU D 69 -5.95 -17.90 -28.95
CA LEU D 69 -5.08 -19.07 -28.85
C LEU D 69 -5.88 -20.29 -28.45
N PRO D 70 -5.50 -21.48 -28.92
CA PRO D 70 -6.21 -22.70 -28.48
C PRO D 70 -6.01 -22.98 -27.00
N VAL D 71 -7.10 -23.35 -26.33
CA VAL D 71 -7.13 -23.56 -24.89
C VAL D 71 -7.48 -25.02 -24.60
N MET D 72 -6.60 -25.70 -23.86
CA MET D 72 -6.79 -27.09 -23.48
C MET D 72 -6.99 -27.15 -21.97
N GLN D 73 -8.03 -27.84 -21.54
CA GLN D 73 -8.38 -27.87 -20.12
C GLN D 73 -8.61 -29.29 -19.63
N PRO D 74 -7.62 -30.16 -19.76
CA PRO D 74 -7.79 -31.52 -19.21
C PRO D 74 -7.85 -31.47 -17.70
N GLN D 75 -8.58 -32.42 -17.13
CA GLN D 75 -8.73 -32.49 -15.68
C GLN D 75 -7.51 -33.15 -15.03
N SER D 76 -6.74 -33.91 -15.80
CA SER D 76 -5.54 -34.57 -15.35
C SER D 76 -4.65 -34.79 -16.56
N LEU D 77 -3.34 -34.75 -16.33
CA LEU D 77 -2.37 -35.06 -17.37
C LEU D 77 -1.81 -36.47 -17.26
N ARG D 78 -2.38 -37.30 -16.37
CA ARG D 78 -1.82 -38.62 -16.11
C ARG D 78 -2.41 -39.73 -16.97
N ASN D 79 -3.16 -39.40 -18.02
CA ASN D 79 -3.60 -40.43 -18.94
C ASN D 79 -2.90 -40.25 -20.29
N ALA D 80 -2.71 -41.38 -20.98
CA ALA D 80 -1.94 -41.38 -22.24
C ALA D 80 -2.65 -40.56 -23.30
N GLU D 81 -3.98 -40.45 -23.22
CA GLU D 81 -4.71 -39.68 -24.22
C GLU D 81 -4.35 -38.21 -24.13
N ALA D 82 -4.40 -37.63 -22.92
CA ALA D 82 -4.07 -36.22 -22.76
C ALA D 82 -2.59 -35.98 -23.05
N GLN D 83 -1.72 -36.94 -22.72
CA GLN D 83 -0.32 -36.84 -23.08
C GLN D 83 -0.15 -36.84 -24.59
N ALA D 84 -0.95 -37.66 -25.28
CA ALA D 84 -0.92 -37.70 -26.75
C ALA D 84 -1.37 -36.38 -27.35
N GLU D 85 -2.40 -35.75 -26.78
CA GLU D 85 -2.81 -34.44 -27.26
C GLU D 85 -1.67 -33.45 -27.12
N LEU D 86 -0.97 -33.50 -25.99
CA LEU D 86 0.15 -32.61 -25.76
C LEU D 86 1.31 -32.91 -26.69
N ALA D 87 1.66 -34.18 -26.85
CA ALA D 87 2.80 -34.53 -27.71
C ALA D 87 2.55 -34.11 -29.15
N ALA D 88 1.29 -34.14 -29.60
CA ALA D 88 0.91 -33.78 -30.96
C ALA D 88 1.11 -32.29 -31.26
N LEU D 89 1.27 -31.44 -30.25
CA LEU D 89 1.46 -30.01 -30.44
C LEU D 89 2.88 -29.63 -30.87
N ARG D 90 3.82 -30.59 -30.89
CA ARG D 90 5.21 -30.37 -31.33
C ARG D 90 5.81 -29.15 -30.66
N ALA D 91 5.71 -29.10 -29.34
CA ALA D 91 6.23 -27.97 -28.60
C ALA D 91 7.72 -28.17 -28.36
N ASP D 92 8.49 -27.09 -28.43
CA ASP D 92 9.90 -27.15 -28.04
C ASP D 92 10.09 -27.00 -26.53
N LEU D 93 9.15 -26.31 -25.88
CA LEU D 93 9.26 -25.94 -24.48
C LEU D 93 7.86 -25.77 -23.95
N MET D 94 7.68 -26.15 -22.69
CA MET D 94 6.44 -25.92 -21.95
C MET D 94 6.76 -24.99 -20.80
N VAL D 95 6.05 -23.87 -20.73
CA VAL D 95 6.20 -22.89 -19.65
C VAL D 95 5.00 -23.05 -18.73
N VAL D 96 5.26 -23.33 -17.46
CA VAL D 96 4.26 -23.68 -16.46
C VAL D 96 4.37 -22.69 -15.31
N VAL D 97 3.28 -21.97 -15.02
CA VAL D 97 3.23 -20.91 -14.01
C VAL D 97 1.91 -21.05 -13.28
N ALA D 98 1.96 -21.43 -12.00
CA ALA D 98 0.77 -21.54 -11.16
C ALA D 98 -0.33 -22.37 -11.84
N TYR D 99 0.06 -23.53 -12.34
CA TYR D 99 -0.86 -24.49 -12.93
C TYR D 99 -1.30 -25.44 -11.84
N GLY D 100 -2.61 -25.67 -11.73
CA GLY D 100 -3.08 -26.52 -10.64
C GLY D 100 -2.68 -27.99 -10.74
N LEU D 101 -2.31 -28.47 -11.91
CA LEU D 101 -2.15 -29.90 -12.16
C LEU D 101 -0.72 -30.35 -12.02
N ILE D 102 -0.56 -31.62 -11.64
CA ILE D 102 0.73 -32.23 -11.47
C ILE D 102 1.22 -32.70 -12.84
N LEU D 103 2.42 -32.29 -13.22
CA LEU D 103 3.02 -32.75 -14.46
C LEU D 103 3.81 -34.02 -14.17
N PRO D 104 3.38 -35.18 -14.68
CA PRO D 104 4.12 -36.43 -14.41
C PRO D 104 5.45 -36.45 -15.16
N GLN D 105 6.25 -37.46 -14.82
CA GLN D 105 7.55 -37.59 -15.47
C GLN D 105 7.38 -37.76 -16.98
N ALA D 106 6.35 -38.51 -17.39
CA ALA D 106 6.10 -38.73 -18.82
C ALA D 106 5.83 -37.41 -19.54
N VAL D 107 5.29 -36.42 -18.82
CA VAL D 107 5.05 -35.13 -19.45
C VAL D 107 6.33 -34.29 -19.50
N LEU D 108 7.13 -34.33 -18.44
CA LEU D 108 8.40 -33.61 -18.48
C LEU D 108 9.28 -34.08 -19.64
N ASP D 109 9.12 -35.34 -20.06
CA ASP D 109 9.93 -35.91 -21.12
C ASP D 109 9.45 -35.52 -22.52
N ILE D 110 8.29 -34.89 -22.64
CA ILE D 110 7.66 -34.64 -23.94
C ILE D 110 8.31 -33.48 -24.68
N PRO D 111 8.40 -32.26 -24.13
CA PRO D 111 9.03 -31.18 -24.90
C PRO D 111 10.53 -31.36 -25.03
N ARG D 112 11.06 -30.87 -26.16
CA ARG D 112 12.49 -30.95 -26.48
C ARG D 112 13.34 -30.41 -25.35
N LEU D 113 12.95 -29.25 -24.81
CA LEU D 113 13.67 -28.61 -23.72
C LEU D 113 13.00 -28.81 -22.37
N GLY D 114 12.03 -29.73 -22.29
CA GLY D 114 11.37 -29.97 -21.03
C GLY D 114 10.40 -28.87 -20.65
N CYS D 115 10.17 -28.75 -19.34
CA CYS D 115 9.17 -27.84 -18.79
C CYS D 115 9.84 -26.97 -17.73
N ILE D 116 9.59 -25.65 -17.80
CA ILE D 116 10.14 -24.71 -16.84
C ILE D 116 9.00 -24.05 -16.08
N ASN D 117 9.32 -23.66 -14.85
CA ASN D 117 8.35 -23.11 -13.91
C ASN D 117 8.81 -21.74 -13.43
N SER D 118 7.85 -20.85 -13.20
CA SER D 118 8.10 -19.55 -12.58
C SER D 118 7.56 -19.66 -11.16
N HIS D 119 8.45 -19.81 -10.18
CA HIS D 119 8.09 -20.01 -8.77
C HIS D 119 8.30 -18.76 -7.94
N ALA D 120 7.31 -18.41 -7.12
CA ALA D 120 7.29 -17.10 -6.45
C ALA D 120 8.04 -17.14 -5.10
N SER D 121 9.30 -17.54 -5.17
CA SER D 121 10.19 -17.51 -4.02
C SER D 121 11.64 -17.66 -4.52
N LEU D 122 12.59 -17.42 -3.62
CA LEU D 122 13.99 -17.69 -3.93
C LEU D 122 14.31 -19.10 -3.48
N LEU D 123 14.14 -20.05 -4.38
CA LEU D 123 14.40 -21.46 -4.09
C LEU D 123 15.86 -21.65 -3.68
N PRO D 124 16.15 -22.67 -2.86
CA PRO D 124 15.25 -23.73 -2.41
C PRO D 124 14.35 -23.34 -1.24
N ARG D 125 14.33 -22.06 -0.90
CA ARG D 125 13.45 -21.57 0.15
C ARG D 125 12.01 -21.48 -0.38
N TRP D 126 11.06 -21.94 0.44
CA TRP D 126 9.62 -21.86 0.18
C TRP D 126 9.20 -22.63 -1.08
N ARG D 127 9.67 -23.87 -1.19
CA ARG D 127 9.02 -24.84 -2.07
C ARG D 127 7.55 -24.98 -1.67
N GLY D 128 6.67 -25.07 -2.67
CA GLY D 128 5.30 -25.47 -2.43
C GLY D 128 4.30 -24.38 -2.79
N ALA D 129 3.18 -24.39 -2.08
CA ALA D 129 1.93 -23.78 -2.54
C ALA D 129 1.79 -22.29 -2.23
N ALA D 130 2.21 -21.82 -1.05
CA ALA D 130 1.92 -20.45 -0.62
C ALA D 130 3.20 -19.74 -0.23
N PRO D 131 4.14 -19.62 -1.17
CA PRO D 131 5.44 -19.02 -0.85
C PRO D 131 5.36 -17.52 -0.61
N ILE D 132 4.41 -16.83 -1.22
CA ILE D 132 4.31 -15.39 -1.01
C ILE D 132 3.89 -15.10 0.42
N GLN D 133 2.80 -15.74 0.88
CA GLN D 133 2.31 -15.48 2.23
C GLN D 133 3.32 -15.91 3.28
N ARG D 134 3.86 -17.13 3.15
CA ARG D 134 4.72 -17.63 4.20
C ARG D 134 5.96 -16.75 4.38
N ALA D 135 6.49 -16.21 3.27
CA ALA D 135 7.68 -15.39 3.37
C ALA D 135 7.42 -14.13 4.19
N VAL D 136 6.30 -13.47 3.92
CA VAL D 136 5.94 -12.29 4.70
C VAL D 136 5.68 -12.68 6.15
N GLU D 137 5.05 -13.83 6.36
CA GLU D 137 4.71 -14.26 7.69
C GLU D 137 5.95 -14.54 8.53
N ALA D 138 7.02 -15.02 7.91
CA ALA D 138 8.27 -15.41 8.56
C ALA D 138 9.25 -14.27 8.78
N GLY D 139 8.96 -13.07 8.30
CA GLY D 139 9.87 -11.96 8.50
C GLY D 139 11.07 -11.95 7.59
N ASP D 140 10.99 -12.61 6.44
CA ASP D 140 12.10 -12.61 5.50
C ASP D 140 12.39 -11.19 5.05
N ALA D 141 13.68 -10.89 4.87
CA ALA D 141 14.12 -9.58 4.45
C ALA D 141 13.99 -9.39 2.95
N GLU D 142 13.97 -10.49 2.18
CA GLU D 142 13.82 -10.40 0.74
C GLU D 142 13.11 -11.65 0.27
N SER D 143 12.57 -11.57 -0.94
CA SER D 143 12.02 -12.73 -1.62
C SER D 143 12.28 -12.53 -3.10
N GLY D 144 11.63 -13.33 -3.95
CA GLY D 144 11.85 -13.14 -5.38
C GLY D 144 11.16 -14.20 -6.20
N VAL D 145 11.72 -14.43 -7.39
CA VAL D 145 11.21 -15.36 -8.39
C VAL D 145 12.34 -16.26 -8.84
N THR D 146 12.05 -17.57 -8.96
CA THR D 146 13.01 -18.53 -9.51
C THR D 146 12.38 -19.15 -10.75
N VAL D 147 13.07 -19.03 -11.89
CA VAL D 147 12.70 -19.80 -13.08
C VAL D 147 13.40 -21.15 -12.96
N MET D 148 12.62 -22.22 -12.88
CA MET D 148 13.12 -23.54 -12.54
C MET D 148 12.88 -24.54 -13.66
N GLN D 149 13.83 -25.47 -13.83
CA GLN D 149 13.66 -26.61 -14.73
C GLN D 149 12.94 -27.71 -13.96
N MET D 150 11.76 -28.10 -14.45
CA MET D 150 10.92 -28.99 -13.66
C MET D 150 11.43 -30.43 -13.63
N GLU D 151 11.44 -30.99 -12.42
CA GLU D 151 11.79 -32.37 -12.13
C GLU D 151 10.54 -33.07 -11.60
N ALA D 152 10.67 -34.36 -11.30
CA ALA D 152 9.54 -35.11 -10.77
C ALA D 152 9.14 -34.60 -9.39
N GLY D 153 10.11 -34.28 -8.54
CA GLY D 153 9.81 -33.80 -7.20
C GLY D 153 9.08 -32.48 -7.19
N LEU D 154 8.65 -32.09 -5.98
CA LEU D 154 7.90 -30.85 -5.75
C LEU D 154 8.87 -29.68 -5.64
N ASP D 155 8.93 -28.86 -6.69
CA ASP D 155 9.75 -27.63 -6.76
C ASP D 155 11.21 -27.89 -6.40
N THR D 156 11.75 -29.01 -6.88
CA THR D 156 13.13 -29.38 -6.59
C THR D 156 14.08 -29.13 -7.75
N GLY D 157 13.59 -28.74 -8.91
CA GLY D 157 14.37 -28.78 -10.12
C GLY D 157 15.50 -27.79 -10.14
N PRO D 158 16.37 -27.89 -11.14
CA PRO D 158 17.51 -26.97 -11.23
C PRO D 158 17.05 -25.52 -11.38
N MET D 159 17.79 -24.62 -10.73
CA MET D 159 17.44 -23.21 -10.69
C MET D 159 18.15 -22.50 -11.84
N LEU D 160 17.38 -21.96 -12.78
CA LEU D 160 17.94 -21.39 -13.99
C LEU D 160 18.29 -19.91 -13.82
N LEU D 161 17.39 -19.16 -13.20
CA LEU D 161 17.57 -17.73 -13.03
C LEU D 161 16.72 -17.30 -11.85
N LYS D 162 17.29 -16.41 -11.03
CA LYS D 162 16.60 -15.86 -9.86
C LYS D 162 16.67 -14.36 -9.95
N VAL D 163 15.62 -13.70 -9.49
CA VAL D 163 15.59 -12.26 -9.37
C VAL D 163 14.96 -11.96 -8.03
N SER D 164 15.57 -11.06 -7.28
CA SER D 164 15.17 -10.83 -5.90
C SER D 164 14.50 -9.47 -5.77
N THR D 165 13.74 -9.31 -4.68
CA THR D 165 13.07 -8.05 -4.35
C THR D 165 13.01 -8.02 -2.82
N PRO D 166 13.14 -6.87 -2.19
CA PRO D 166 13.12 -6.84 -0.73
C PRO D 166 11.70 -6.96 -0.19
N ILE D 167 11.59 -7.33 1.06
CA ILE D 167 10.34 -7.21 1.78
C ILE D 167 10.55 -6.09 2.78
N SER D 168 9.88 -4.96 2.53
CA SER D 168 10.04 -3.81 3.39
C SER D 168 9.14 -4.00 4.62
N ALA D 169 9.28 -3.11 5.61
CA ALA D 169 8.46 -3.29 6.80
C ALA D 169 6.97 -3.14 6.51
N ALA D 170 6.61 -2.49 5.39
CA ALA D 170 5.22 -2.22 5.05
C ALA D 170 4.65 -3.18 4.01
N ASP D 171 5.45 -4.08 3.43
CA ASP D 171 4.96 -4.94 2.37
C ASP D 171 3.91 -5.90 2.91
N THR D 172 2.88 -6.15 2.11
CA THR D 172 1.86 -7.13 2.43
C THR D 172 1.97 -8.30 1.48
N GLY D 173 1.12 -9.31 1.69
CA GLY D 173 1.04 -10.40 0.74
C GLY D 173 0.71 -9.92 -0.66
N GLY D 174 -0.19 -8.94 -0.76
CA GLY D 174 -0.59 -8.46 -2.07
C GLY D 174 0.48 -7.61 -2.74
N SER D 175 1.14 -6.75 -1.96
CA SER D 175 2.17 -5.90 -2.55
C SER D 175 3.34 -6.74 -3.05
N LEU D 176 3.69 -7.79 -2.31
CA LEU D 176 4.72 -8.72 -2.77
C LEU D 176 4.25 -9.51 -3.99
N HIS D 177 2.98 -9.94 -3.99
CA HIS D 177 2.42 -10.62 -5.17
C HIS D 177 2.51 -9.74 -6.40
N ASP D 178 2.13 -8.48 -6.29
CA ASP D 178 2.13 -7.63 -7.48
C ASP D 178 3.55 -7.43 -8.01
N ARG D 179 4.53 -7.35 -7.11
CA ARG D 179 5.90 -7.15 -7.56
C ARG D 179 6.45 -8.41 -8.21
N LEU D 180 6.17 -9.58 -7.63
CA LEU D 180 6.66 -10.81 -8.23
C LEU D 180 5.99 -11.11 -9.56
N ALA D 181 4.76 -10.61 -9.74
CA ALA D 181 4.04 -10.76 -10.98
C ALA D 181 4.60 -9.90 -12.11
N ALA D 182 5.45 -8.92 -11.79
CA ALA D 182 6.17 -8.13 -12.77
C ALA D 182 7.57 -8.67 -13.05
N LEU D 183 8.22 -9.17 -12.00
CA LEU D 183 9.57 -9.68 -12.14
C LEU D 183 9.58 -11.02 -12.86
N GLY D 184 8.63 -11.89 -12.52
CA GLY D 184 8.56 -13.23 -13.06
C GLY D 184 8.56 -13.29 -14.57
N PRO D 185 7.62 -12.59 -15.21
CA PRO D 185 7.53 -12.66 -16.67
C PRO D 185 8.80 -12.24 -17.38
N LYS D 186 9.44 -11.16 -16.95
CA LYS D 186 10.71 -10.77 -17.56
C LYS D 186 11.77 -11.86 -17.36
N ALA D 187 11.79 -12.48 -16.17
CA ALA D 187 12.78 -13.52 -15.91
C ALA D 187 12.59 -14.74 -16.81
N VAL D 188 11.34 -15.11 -17.09
CA VAL D 188 11.08 -16.25 -17.96
C VAL D 188 11.57 -15.96 -19.38
N ILE D 189 11.27 -14.76 -19.91
CA ILE D 189 11.74 -14.42 -21.23
C ILE D 189 13.26 -14.44 -21.31
N GLU D 190 13.95 -13.86 -20.32
CA GLU D 190 15.41 -13.92 -20.33
C GLU D 190 15.88 -15.36 -20.20
N ALA D 191 15.18 -16.15 -19.36
CA ALA D 191 15.56 -17.54 -19.20
C ALA D 191 15.31 -18.36 -20.46
N ILE D 192 14.20 -18.12 -21.15
CA ILE D 192 13.94 -18.84 -22.39
C ILE D 192 15.05 -18.61 -23.41
N ALA D 193 15.53 -17.36 -23.53
CA ALA D 193 16.56 -17.07 -24.52
C ALA D 193 17.81 -17.88 -24.28
N GLY D 194 18.22 -18.00 -23.01
CA GLY D 194 19.39 -18.79 -22.70
C GLY D 194 19.21 -20.27 -22.98
N LEU D 195 18.01 -20.79 -22.77
CA LEU D 195 17.79 -22.20 -23.08
C LEU D 195 17.88 -22.43 -24.58
N ALA D 196 17.22 -21.56 -25.37
CA ALA D 196 17.21 -21.72 -26.82
C ALA D 196 18.59 -21.56 -27.42
N ALA D 197 19.44 -20.74 -26.80
CA ALA D 197 20.81 -20.57 -27.25
C ALA D 197 21.75 -21.69 -26.77
N GLY D 198 21.29 -22.57 -25.89
CA GLY D 198 22.14 -23.60 -25.27
C GLY D 198 23.15 -23.12 -24.25
N THR D 199 23.00 -21.89 -23.74
CA THR D 199 23.99 -21.22 -22.91
C THR D 199 23.64 -21.19 -21.43
N LEU D 200 22.49 -21.72 -21.04
CA LEU D 200 22.01 -21.58 -19.68
C LEU D 200 22.02 -22.93 -18.96
N HIS D 201 22.69 -23.00 -17.81
CA HIS D 201 22.72 -24.22 -17.02
CA HIS D 201 22.75 -24.21 -17.00
C HIS D 201 22.24 -23.93 -15.60
N GLY D 202 21.27 -24.71 -15.14
CA GLY D 202 20.69 -24.49 -13.82
C GLY D 202 21.58 -24.98 -12.70
N GLU D 203 21.48 -24.31 -11.55
CA GLU D 203 22.20 -24.72 -10.35
C GLU D 203 21.37 -25.75 -9.58
N ILE D 204 21.99 -26.87 -9.23
CA ILE D 204 21.28 -27.94 -8.54
C ILE D 204 20.93 -27.48 -7.15
N GLN D 205 19.70 -27.80 -6.70
CA GLN D 205 19.24 -27.37 -5.38
C GLN D 205 19.86 -28.21 -4.26
N ASP D 206 20.22 -27.53 -3.17
CA ASP D 206 20.65 -28.15 -1.92
C ASP D 206 19.45 -28.28 -0.97
N ASP D 207 19.02 -29.52 -0.69
CA ASP D 207 17.91 -29.75 0.22
C ASP D 207 18.16 -29.15 1.59
N ALA D 208 19.43 -28.99 1.96
CA ALA D 208 19.76 -28.42 3.27
C ALA D 208 19.26 -26.99 3.41
N LEU D 209 19.05 -26.29 2.30
CA LEU D 209 18.58 -24.91 2.31
C LEU D 209 17.10 -24.80 2.04
N ALA D 210 16.41 -25.92 1.89
CA ALA D 210 15.02 -25.91 1.47
C ALA D 210 14.10 -25.69 2.66
N THR D 211 13.07 -24.88 2.45
CA THR D 211 11.92 -24.80 3.35
C THR D 211 10.66 -24.93 2.51
N TYR D 212 9.56 -25.29 3.15
CA TYR D 212 8.32 -25.58 2.45
C TYR D 212 7.25 -24.61 2.94
N ALA D 213 6.54 -24.00 1.99
CA ALA D 213 5.50 -23.01 2.25
C ALA D 213 4.11 -23.63 2.07
N HIS D 214 3.64 -24.31 3.12
CA HIS D 214 2.42 -25.10 3.05
C HIS D 214 1.20 -24.23 2.80
N LYS D 215 0.23 -24.79 2.09
CA LYS D 215 -0.99 -24.07 1.77
C LYS D 215 -1.73 -23.64 3.04
N LEU D 216 -2.42 -22.51 2.94
CA LEU D 216 -3.21 -22.00 4.05
C LEU D 216 -4.39 -22.91 4.33
N ASN D 217 -4.69 -23.11 5.60
CA ASN D 217 -5.81 -23.96 5.98
C ASN D 217 -6.94 -23.11 6.56
N LYS D 218 -8.03 -23.78 6.94
CA LYS D 218 -9.27 -23.10 7.28
C LYS D 218 -9.09 -22.19 8.49
N ASP D 219 -8.47 -22.70 9.55
CA ASP D 219 -8.53 -22.05 10.85
C ASP D 219 -7.43 -21.04 11.12
N GLU D 220 -6.39 -21.02 10.29
CA GLU D 220 -5.17 -20.33 10.73
C GLU D 220 -5.29 -18.82 10.66
N ALA D 221 -6.17 -18.29 9.79
CA ALA D 221 -6.33 -16.84 9.71
C ALA D 221 -7.05 -16.24 10.91
N ARG D 222 -7.57 -17.06 11.83
CA ARG D 222 -8.11 -16.51 13.08
C ARG D 222 -6.96 -16.18 14.02
N LEU D 223 -6.93 -14.94 14.50
CA LEU D 223 -5.78 -14.47 15.28
C LEU D 223 -5.75 -15.16 16.63
N ASP D 224 -4.63 -15.80 16.93
CA ASP D 224 -4.38 -16.42 18.23
C ASP D 224 -3.70 -15.35 19.08
N TRP D 225 -4.47 -14.73 19.98
CA TRP D 225 -3.93 -13.63 20.77
C TRP D 225 -2.91 -14.05 21.82
N SER D 226 -2.73 -15.35 22.06
CA SER D 226 -1.69 -15.83 22.97
C SER D 226 -0.30 -15.79 22.35
N ARG D 227 -0.21 -15.57 21.03
CA ARG D 227 1.06 -15.52 20.32
C ARG D 227 1.83 -14.23 20.63
N PRO D 228 3.13 -14.19 20.32
CA PRO D 228 3.86 -12.93 20.47
C PRO D 228 3.37 -11.89 19.47
N ALA D 229 3.39 -10.61 19.91
CA ALA D 229 2.88 -9.54 19.05
C ALA D 229 3.64 -9.48 17.73
N VAL D 230 4.94 -9.75 17.77
CA VAL D 230 5.75 -9.76 16.56
C VAL D 230 5.18 -10.72 15.53
N GLU D 231 4.83 -11.92 15.96
CA GLU D 231 4.32 -12.91 15.02
C GLU D 231 3.03 -12.45 14.39
N LEU D 232 2.11 -11.91 15.21
CA LEU D 232 0.83 -11.43 14.70
C LEU D 232 1.01 -10.22 13.79
N GLU D 233 1.98 -9.37 14.10
CA GLU D 233 2.24 -8.24 13.22
C GLU D 233 2.58 -8.71 11.81
N ARG D 234 3.38 -9.77 11.71
CA ARG D 234 3.75 -10.32 10.41
C ARG D 234 2.55 -10.97 9.73
N GLN D 235 1.74 -11.71 10.50
CA GLN D 235 0.61 -12.41 9.92
C GLN D 235 -0.40 -11.44 9.31
N VAL D 236 -0.68 -10.34 9.99
CA VAL D 236 -1.68 -9.40 9.49
C VAL D 236 -1.26 -8.86 8.12
N ARG D 237 0.02 -8.51 7.97
CA ARG D 237 0.48 -8.08 6.66
C ARG D 237 0.43 -9.21 5.64
N ALA D 238 0.90 -10.41 6.02
CA ALA D 238 0.96 -11.50 5.05
C ALA D 238 -0.40 -11.83 4.48
N PHE D 239 -1.44 -11.75 5.31
CA PHE D 239 -2.80 -12.13 4.95
C PHE D 239 -3.63 -10.96 4.43
N THR D 240 -2.99 -9.87 4.06
CA THR D 240 -3.64 -8.75 3.42
C THR D 240 -3.27 -8.76 1.95
N PRO D 241 -4.23 -8.68 1.00
CA PRO D 241 -5.67 -8.53 1.14
C PRO D 241 -6.39 -9.87 1.21
N TRP D 242 -5.66 -10.99 1.19
CA TRP D 242 -6.28 -12.30 1.29
C TRP D 242 -5.37 -13.22 2.11
N PRO D 243 -5.94 -14.04 3.00
CA PRO D 243 -7.37 -14.26 3.29
C PRO D 243 -7.93 -13.37 4.41
N VAL D 244 -7.10 -12.46 4.93
CA VAL D 244 -7.44 -11.46 5.95
C VAL D 244 -7.58 -12.07 7.34
N CYS D 245 -6.78 -11.60 8.29
CA CYS D 245 -6.88 -12.06 9.66
C CYS D 245 -8.17 -11.55 10.27
N HIS D 246 -8.74 -12.34 11.18
CA HIS D 246 -9.98 -11.96 11.83
C HIS D 246 -9.98 -12.39 13.29
N THR D 247 -10.79 -11.71 14.10
CA THR D 247 -10.98 -12.07 15.49
C THR D 247 -12.40 -11.66 15.88
N SER D 248 -12.75 -11.80 17.16
CA SER D 248 -14.08 -11.47 17.64
C SER D 248 -14.03 -10.43 18.75
N LEU D 249 -15.11 -9.66 18.87
CA LEU D 249 -15.29 -8.69 19.95
C LEU D 249 -16.76 -8.67 20.34
N ALA D 250 -17.06 -9.10 21.56
CA ALA D 250 -18.44 -9.20 22.05
C ALA D 250 -19.30 -10.08 21.13
N ASP D 251 -18.75 -11.22 20.73
CA ASP D 251 -19.42 -12.20 19.88
C ASP D 251 -19.88 -11.62 18.54
N ALA D 252 -19.25 -10.53 18.11
CA ALA D 252 -19.43 -9.94 16.78
C ALA D 252 -18.13 -10.05 16.00
N PRO D 253 -18.17 -10.50 14.74
CA PRO D 253 -16.94 -10.67 13.96
C PRO D 253 -16.23 -9.35 13.68
N LEU D 254 -14.94 -9.48 13.34
CA LEU D 254 -14.06 -8.33 13.20
C LEU D 254 -12.84 -8.70 12.34
N LYS D 255 -12.69 -8.07 11.17
CA LYS D 255 -11.57 -8.33 10.26
C LYS D 255 -10.46 -7.31 10.51
N VAL D 256 -9.22 -7.78 10.58
CA VAL D 256 -8.06 -6.96 10.89
C VAL D 256 -7.23 -6.77 9.63
N LEU D 257 -7.15 -5.55 9.13
CA LEU D 257 -6.52 -5.25 7.85
C LEU D 257 -5.24 -4.43 7.98
N GLY D 258 -4.87 -4.01 9.18
CA GLY D 258 -3.66 -3.23 9.40
C GLY D 258 -3.33 -3.13 10.88
N ALA D 259 -2.05 -3.34 11.24
CA ALA D 259 -1.64 -3.27 12.65
C ALA D 259 -0.17 -2.88 12.73
N SER D 260 0.25 -2.45 13.90
CA SER D 260 1.64 -2.07 14.11
C SER D 260 2.10 -2.54 15.48
N LEU D 261 3.41 -2.60 15.67
CA LEU D 261 3.92 -3.03 16.96
C LEU D 261 3.68 -1.93 17.99
N GLY D 262 3.23 -2.32 19.18
CA GLY D 262 3.00 -1.39 20.27
C GLY D 262 3.68 -1.83 21.55
N GLN D 263 3.47 -1.04 22.60
CA GLN D 263 4.08 -1.27 23.91
C GLN D 263 3.00 -1.49 24.95
N GLY D 264 3.12 -2.57 25.70
CA GLY D 264 2.12 -2.90 26.70
C GLY D 264 2.29 -4.33 27.18
N SER D 265 1.57 -4.62 28.26
CA SER D 265 1.53 -5.94 28.86
C SER D 265 0.12 -6.21 29.37
N GLY D 266 -0.29 -7.47 29.32
CA GLY D 266 -1.58 -7.86 29.83
C GLY D 266 -1.93 -9.29 29.45
N ALA D 267 -3.08 -9.73 29.94
CA ALA D 267 -3.62 -11.02 29.55
C ALA D 267 -3.96 -11.00 28.07
N PRO D 268 -3.59 -12.03 27.32
CA PRO D 268 -3.73 -11.97 25.85
C PRO D 268 -5.16 -11.64 25.45
N GLY D 269 -5.27 -10.67 24.53
CA GLY D 269 -6.56 -10.23 24.01
C GLY D 269 -7.20 -9.04 24.71
N THR D 270 -6.65 -8.57 25.83
CA THR D 270 -7.28 -7.46 26.56
C THR D 270 -7.06 -6.14 25.81
N ILE D 271 -8.13 -5.37 25.65
CA ILE D 271 -7.98 -4.00 25.15
C ILE D 271 -7.25 -3.19 26.21
N LEU D 272 -6.03 -2.77 25.91
CA LEU D 272 -5.26 -1.93 26.82
C LEU D 272 -5.59 -0.45 26.66
N GLU D 273 -5.80 0.02 25.43
CA GLU D 273 -5.98 1.44 25.17
C GLU D 273 -6.70 1.61 23.84
N ALA D 274 -7.51 2.66 23.74
CA ALA D 274 -8.23 2.96 22.50
C ALA D 274 -8.22 4.47 22.26
N SER D 275 -7.68 4.86 21.10
CA SER D 275 -7.54 6.27 20.73
C SER D 275 -7.66 6.37 19.22
N ARG D 276 -7.56 7.61 18.72
CA ARG D 276 -7.49 7.83 17.29
C ARG D 276 -6.31 7.07 16.66
N ASP D 277 -5.23 6.86 17.42
CA ASP D 277 -4.03 6.22 16.92
C ASP D 277 -4.20 4.72 16.71
N GLY D 278 -5.23 4.13 17.29
CA GLY D 278 -5.49 2.72 17.10
C GLY D 278 -6.00 2.02 18.34
N LEU D 279 -6.20 0.71 18.23
CA LEU D 279 -6.68 -0.14 19.30
C LEU D 279 -5.51 -1.00 19.81
N LEU D 280 -5.06 -0.72 21.01
CA LEU D 280 -3.94 -1.43 21.60
C LEU D 280 -4.46 -2.69 22.30
N VAL D 281 -4.02 -3.85 21.83
CA VAL D 281 -4.48 -5.13 22.34
C VAL D 281 -3.29 -5.89 22.92
N ALA D 282 -3.46 -6.42 24.12
CA ALA D 282 -2.41 -7.23 24.73
C ALA D 282 -2.22 -8.53 23.95
N CYS D 283 -0.99 -9.05 23.96
CA CYS D 283 -0.71 -10.31 23.29
C CYS D 283 -0.05 -11.28 24.25
N GLY D 284 0.44 -12.42 23.75
CA GLY D 284 1.20 -13.33 24.59
C GLY D 284 2.50 -12.71 25.08
N GLU D 285 3.17 -11.95 24.22
CA GLU D 285 4.30 -11.10 24.58
C GLU D 285 4.04 -9.75 23.91
N GLY D 286 4.25 -8.66 24.64
CA GLY D 286 4.08 -7.35 24.00
C GLY D 286 2.63 -6.99 23.68
N ALA D 287 2.48 -5.99 22.81
CA ALA D 287 1.15 -5.54 22.40
C ALA D 287 1.16 -5.19 20.92
N LEU D 288 -0.04 -5.21 20.32
CA LEU D 288 -0.28 -4.96 18.90
C LEU D 288 -1.35 -3.88 18.74
N ARG D 289 -1.02 -2.81 18.02
CA ARG D 289 -1.93 -1.69 17.78
C ARG D 289 -2.64 -1.88 16.44
N LEU D 290 -3.96 -2.09 16.48
CA LEU D 290 -4.77 -2.27 15.28
C LEU D 290 -5.14 -0.92 14.67
N THR D 291 -4.79 -0.72 13.40
CA THR D 291 -4.96 0.56 12.74
C THR D 291 -5.94 0.57 11.57
N ARG D 292 -6.34 -0.59 11.05
CA ARG D 292 -7.30 -0.66 9.94
C ARG D 292 -8.17 -1.90 10.15
N LEU D 293 -9.49 -1.73 10.19
CA LEU D 293 -10.43 -2.80 10.51
C LEU D 293 -11.54 -2.88 9.48
N GLN D 294 -12.31 -3.97 9.54
CA GLN D 294 -13.50 -4.10 8.71
C GLN D 294 -14.59 -4.82 9.50
N LEU D 295 -15.69 -4.13 9.72
CA LEU D 295 -16.79 -4.71 10.45
C LEU D 295 -17.72 -5.47 9.50
N PRO D 296 -18.53 -6.40 10.01
CA PRO D 296 -19.37 -7.23 9.13
C PRO D 296 -20.39 -6.40 8.35
N GLY D 297 -20.43 -6.64 7.05
CA GLY D 297 -21.31 -5.85 6.20
C GLY D 297 -20.95 -4.38 6.18
N GLY D 298 -19.66 -4.07 6.23
CA GLY D 298 -19.18 -2.70 6.16
C GLY D 298 -17.95 -2.64 5.28
N LYS D 299 -17.43 -1.45 5.14
CA LYS D 299 -16.24 -1.26 4.31
C LYS D 299 -15.00 -1.27 5.20
N PRO D 300 -13.82 -1.54 4.63
CA PRO D 300 -12.57 -1.36 5.40
C PRO D 300 -12.33 0.11 5.70
N LEU D 301 -12.12 0.42 6.99
CA LEU D 301 -12.02 1.80 7.48
C LEU D 301 -10.82 1.95 8.41
N ALA D 302 -10.20 3.13 8.39
CA ALA D 302 -9.17 3.44 9.37
C ALA D 302 -9.75 3.42 10.77
N PHE D 303 -8.98 2.92 11.74
CA PHE D 303 -9.56 2.77 13.07
C PHE D 303 -9.95 4.12 13.65
N ALA D 304 -9.22 5.17 13.29
CA ALA D 304 -9.58 6.52 13.74
C ALA D 304 -11.00 6.88 13.31
N ASP D 305 -11.36 6.55 12.07
CA ASP D 305 -12.72 6.83 11.61
C ASP D 305 -13.75 5.96 12.32
N LEU D 306 -13.37 4.73 12.70
CA LEU D 306 -14.30 3.82 13.38
C LEU D 306 -14.44 4.14 14.86
N TYR D 307 -13.38 4.65 15.50
CA TYR D 307 -13.44 4.94 16.94
C TYR D 307 -14.43 6.04 17.28
N ASN D 308 -14.49 7.11 16.47
CA ASN D 308 -15.32 8.27 16.85
C ASN D 308 -16.80 8.03 16.69
N SER D 309 -17.20 6.94 16.06
CA SER D 309 -18.59 6.69 15.73
C SER D 309 -19.13 5.49 16.49
N ARG D 310 -18.24 4.79 17.21
CA ARG D 310 -18.58 3.56 17.92
C ARG D 310 -18.30 3.70 19.41
N ARG D 311 -18.29 4.93 19.94
CA ARG D 311 -17.97 5.28 21.32
C ARG D 311 -17.33 4.16 22.14
N GLU D 312 -18.13 3.59 23.04
CA GLU D 312 -17.74 2.62 24.06
C GLU D 312 -17.48 1.22 23.53
N GLN D 313 -17.80 0.94 22.25
CA GLN D 313 -17.66 -0.42 21.74
C GLN D 313 -16.26 -0.98 21.97
N PHE D 314 -15.24 -0.14 21.95
CA PHE D 314 -13.88 -0.60 22.18
C PHE D 314 -13.34 -0.16 23.55
N ALA D 315 -14.11 -0.34 24.61
CA ALA D 315 -13.66 0.09 25.93
C ALA D 315 -12.58 -0.85 26.46
N ALA D 316 -11.60 -0.27 27.17
CA ALA D 316 -10.51 -1.09 27.68
C ALA D 316 -11.04 -2.12 28.67
N GLY D 317 -10.40 -3.27 28.70
CA GLY D 317 -10.83 -4.34 29.56
C GLY D 317 -11.65 -5.41 28.88
N GLN D 318 -12.21 -5.12 27.69
CA GLN D 318 -12.81 -6.18 26.91
C GLN D 318 -11.71 -7.07 26.33
N VAL D 319 -12.07 -8.30 26.00
CA VAL D 319 -11.11 -9.28 25.51
C VAL D 319 -11.61 -9.87 24.19
N LEU D 320 -10.73 -9.92 23.19
CA LEU D 320 -11.07 -10.47 21.87
C LEU D 320 -10.81 -11.97 21.81
N GLY D 321 -11.70 -12.69 21.11
CA GLY D 321 -11.61 -14.15 20.98
C GLY D 321 -12.74 -14.91 21.66
#